data_2GT9
#
_entry.id   2GT9
#
_cell.length_a   58.340
_cell.length_b   84.179
_cell.length_c   84.061
_cell.angle_alpha   90.00
_cell.angle_beta   90.08
_cell.angle_gamma   90.00
#
_symmetry.space_group_name_H-M   'P 1 21 1'
#
loop_
_entity.id
_entity.type
_entity.pdbx_description
1 polymer 'HLA class I histocompatibility antigen'
2 polymer Beta-2-microglobulin
3 polymer 'Melan-A/MART-1(26-35) peptide'
4 non-polymer GLYCEROL
5 non-polymer 'SODIUM ION'
6 water water
#
loop_
_entity_poly.entity_id
_entity_poly.type
_entity_poly.pdbx_seq_one_letter_code
_entity_poly.pdbx_strand_id
1 'polypeptide(L)'
;GSHSMRYFFTSVSRPGRGEPRFIAVGYVDDTQFVRFDSDAASQRMEPRAPWIEQEGPEYWDGETRKVKAHSQTHRVDLGT
LRGYYNQSEAGSHTVQRMYGCDVGSDWRFLRGYHQYAYDGKDYIALKEDLRSWTAADMAAQTTKHKWEAAHVAEQLRAYL
EGTCVEWLRRYLENGKETLQRTDAPKTHMTHHAVSDHEATLRCWALSFYPAEITLTWQRDGEDQTQDTELVETRPAGDGT
FQKWAAVVVPSGQEQRYTCHVQHEGLPKPLTLRWE
;
A,D
2 'polypeptide(L)'
;MIQRTPKIQVYSRHPAENGKSNFLNCYVSGFHPSDIEVDLLKNGERIEKVEHSDLSFSKDWSFYLLYYTEFTPTEKDEYA
CRVNHVTLSQPKIVKWDRDM
;
B,E
3 'polypeptide(L)' EAAGIGILTV C,F
#
loop_
_chem_comp.id
_chem_comp.type
_chem_comp.name
_chem_comp.formula
GOL non-polymer GLYCEROL 'C3 H8 O3'
NA non-polymer 'SODIUM ION' 'Na 1'
#
# COMPACT_ATOMS: atom_id res chain seq x y z
N GLY A 1 5.28 -3.84 -15.02
CA GLY A 1 6.70 -3.40 -15.22
C GLY A 1 7.58 -3.42 -13.97
N SER A 2 7.01 -3.66 -12.79
CA SER A 2 7.80 -3.65 -11.57
C SER A 2 8.47 -5.03 -11.39
N HIS A 3 9.60 -5.11 -10.67
CA HIS A 3 10.36 -6.37 -10.54
C HIS A 3 10.94 -6.66 -9.14
N SER A 4 11.28 -7.92 -8.88
CA SER A 4 11.81 -8.34 -7.59
C SER A 4 12.90 -9.40 -7.76
N MET A 5 13.87 -9.41 -6.84
CA MET A 5 14.76 -10.57 -6.73
C MET A 5 14.64 -11.11 -5.32
N ARG A 6 14.48 -12.42 -5.18
CA ARG A 6 14.28 -12.99 -3.86
C ARG A 6 15.08 -14.30 -3.78
N TYR A 7 15.71 -14.56 -2.61
CA TYR A 7 16.35 -15.83 -2.33
C TYR A 7 15.61 -16.47 -1.18
N PHE A 8 15.39 -17.79 -1.27
CA PHE A 8 14.60 -18.55 -0.31
C PHE A 8 15.48 -19.69 0.23
N PHE A 9 15.54 -19.90 1.55
CA PHE A 9 16.43 -20.90 2.13
C PHE A 9 15.64 -21.71 3.13
N THR A 10 15.76 -23.03 3.08
CA THR A 10 15.01 -23.85 3.98
C THR A 10 15.97 -24.85 4.59
N SER A 11 16.00 -24.98 5.92
CA SER A 11 16.87 -26.01 6.53
C SER A 11 15.99 -26.82 7.45
N VAL A 12 16.07 -28.15 7.35
CA VAL A 12 15.20 -29.04 8.10
C VAL A 12 16.04 -30.05 8.89
N SER A 13 15.87 -30.10 10.20
CA SER A 13 16.62 -31.06 10.97
C SER A 13 16.06 -32.47 10.80
N ARG A 14 16.93 -33.45 10.87
CA ARG A 14 16.47 -34.82 10.81
C ARG A 14 17.11 -35.67 11.90
N PRO A 15 16.41 -35.77 13.05
CA PRO A 15 16.88 -36.45 14.27
C PRO A 15 17.37 -37.85 14.03
N GLY A 16 18.65 -38.08 14.32
CA GLY A 16 19.28 -39.41 14.20
C GLY A 16 19.48 -39.92 12.78
N ARG A 17 19.46 -39.02 11.81
CA ARG A 17 19.62 -39.36 10.41
C ARG A 17 20.58 -38.42 9.71
N GLY A 18 21.52 -37.85 10.47
CA GLY A 18 22.56 -37.01 9.87
C GLY A 18 22.35 -35.52 9.99
N GLU A 19 23.00 -34.77 9.10
CA GLU A 19 22.98 -33.32 9.10
C GLU A 19 21.62 -32.83 8.54
N PRO A 20 21.24 -31.58 8.85
CA PRO A 20 19.98 -31.04 8.31
C PRO A 20 19.99 -30.93 6.81
N ARG A 21 18.82 -31.14 6.19
CA ARG A 21 18.61 -30.94 4.73
C ARG A 21 18.62 -29.44 4.50
N PHE A 22 19.36 -28.94 3.52
CA PHE A 22 19.38 -27.52 3.24
C PHE A 22 19.12 -27.32 1.76
N ILE A 23 18.13 -26.47 1.43
CA ILE A 23 17.81 -26.14 0.03
C ILE A 23 17.73 -24.61 -0.17
N ALA A 24 18.39 -24.06 -1.19
CA ALA A 24 18.35 -22.62 -1.49
C ALA A 24 17.83 -22.52 -2.90
N VAL A 25 16.94 -21.56 -3.15
CA VAL A 25 16.54 -21.22 -4.53
C VAL A 25 16.54 -19.70 -4.69
N GLY A 26 16.77 -19.22 -5.91
CA GLY A 26 16.72 -17.80 -6.13
C GLY A 26 15.80 -17.52 -7.30
N TYR A 27 15.08 -16.37 -7.22
CA TYR A 27 14.10 -16.03 -8.24
C TYR A 27 14.26 -14.59 -8.67
N VAL A 28 14.03 -14.33 -9.95
CA VAL A 28 13.70 -12.97 -10.40
C VAL A 28 12.23 -13.01 -10.79
N ASP A 29 11.41 -12.17 -10.14
CA ASP A 29 9.96 -12.27 -10.29
C ASP A 29 9.50 -13.73 -10.07
N ASP A 30 8.78 -14.30 -11.05
CA ASP A 30 8.28 -15.67 -10.89
C ASP A 30 9.10 -16.65 -11.70
N THR A 31 10.37 -16.33 -11.92
CA THR A 31 11.25 -17.20 -12.69
C THR A 31 12.45 -17.60 -11.85
N GLN A 32 12.59 -18.90 -11.59
CA GLN A 32 13.72 -19.41 -10.78
C GLN A 32 14.97 -19.36 -11.62
N PHE A 33 16.11 -19.06 -10.99
CA PHE A 33 17.33 -19.02 -11.76
C PHE A 33 18.51 -19.74 -11.14
N VAL A 34 18.49 -20.01 -9.82
CA VAL A 34 19.57 -20.81 -9.21
C VAL A 34 19.00 -21.76 -8.16
N ARG A 35 19.74 -22.81 -7.85
CA ARG A 35 19.42 -23.69 -6.73
C ARG A 35 20.69 -24.25 -6.07
N PHE A 36 20.55 -24.70 -4.81
CA PHE A 36 21.54 -25.51 -4.11
C PHE A 36 20.76 -26.54 -3.28
N ASP A 37 21.16 -27.81 -3.32
CA ASP A 37 20.57 -28.81 -2.45
C ASP A 37 21.73 -29.52 -1.74
N SER A 38 21.76 -29.48 -0.40
CA SER A 38 22.82 -30.13 0.40
C SER A 38 22.90 -31.63 0.19
N ASP A 39 21.79 -32.25 -0.21
CA ASP A 39 21.81 -33.69 -0.40
C ASP A 39 22.32 -34.10 -1.75
N ALA A 40 22.49 -33.16 -2.67
CA ALA A 40 22.87 -33.51 -4.05
C ALA A 40 24.37 -33.77 -4.16
N ALA A 41 24.74 -34.44 -5.25
CA ALA A 41 26.13 -34.84 -5.49
C ALA A 41 27.11 -33.70 -5.77
N SER A 42 26.64 -32.63 -6.43
CA SER A 42 27.53 -31.59 -6.93
C SER A 42 28.15 -30.71 -5.85
N GLN A 43 27.37 -30.40 -4.81
CA GLN A 43 27.72 -29.41 -3.79
C GLN A 43 28.03 -28.06 -4.45
N ARG A 44 27.26 -27.70 -5.47
CA ARG A 44 27.48 -26.44 -6.13
C ARG A 44 26.17 -25.70 -6.23
N MET A 45 26.22 -24.38 -6.23
CA MET A 45 25.07 -23.59 -6.70
C MET A 45 24.98 -23.86 -8.21
N GLU A 46 23.78 -24.11 -8.71
CA GLU A 46 23.58 -24.54 -10.09
C GLU A 46 22.58 -23.64 -10.83
N PRO A 47 22.77 -23.45 -12.13
CA PRO A 47 21.81 -22.70 -12.94
C PRO A 47 20.49 -23.42 -13.16
N ARG A 48 19.40 -22.64 -13.13
CA ARG A 48 18.07 -23.16 -13.37
C ARG A 48 17.32 -22.23 -14.34
N ALA A 49 18.05 -21.36 -15.04
CA ALA A 49 17.48 -20.52 -16.11
C ALA A 49 18.52 -20.37 -17.17
N PRO A 50 18.13 -20.35 -18.44
CA PRO A 50 19.11 -20.25 -19.55
C PRO A 50 20.00 -19.00 -19.50
N TRP A 51 19.44 -17.86 -19.10
CA TRP A 51 20.18 -16.59 -19.07
C TRP A 51 21.17 -16.43 -17.90
N ILE A 52 21.17 -17.34 -16.93
CA ILE A 52 22.17 -17.23 -15.87
C ILE A 52 23.40 -18.07 -16.24
N GLU A 53 23.25 -18.94 -17.23
CA GLU A 53 24.34 -19.89 -17.60
C GLU A 53 25.60 -19.21 -18.08
N GLN A 54 25.45 -18.00 -18.61
CA GLN A 54 26.58 -17.22 -19.11
C GLN A 54 27.47 -16.63 -18.03
N GLU A 55 27.06 -16.64 -16.76
CA GLU A 55 27.93 -16.14 -15.71
C GLU A 55 29.19 -17.01 -15.61
N GLY A 56 30.32 -16.40 -15.36
CA GLY A 56 31.61 -17.12 -15.41
C GLY A 56 31.89 -17.91 -14.15
N PRO A 57 33.05 -18.57 -14.12
CA PRO A 57 33.47 -19.43 -13.01
C PRO A 57 33.51 -18.69 -11.67
N GLU A 58 33.89 -17.42 -11.66
CA GLU A 58 33.96 -16.67 -10.41
C GLU A 58 32.57 -16.51 -9.75
N TYR A 59 31.55 -16.32 -10.58
CA TYR A 59 30.20 -16.23 -10.12
C TYR A 59 29.82 -17.51 -9.44
N TRP A 60 30.03 -18.63 -10.12
CA TRP A 60 29.54 -19.92 -9.58
C TRP A 60 30.31 -20.31 -8.33
N ASP A 61 31.61 -20.00 -8.31
CA ASP A 61 32.44 -20.27 -7.14
C ASP A 61 31.99 -19.40 -5.97
N GLY A 62 31.69 -18.13 -6.23
CA GLY A 62 31.32 -17.19 -5.16
C GLY A 62 29.95 -17.49 -4.60
N GLU A 63 29.01 -17.79 -5.49
CA GLU A 63 27.65 -18.13 -5.06
C GLU A 63 27.63 -19.45 -4.27
N THR A 64 28.45 -20.40 -4.70
CA THR A 64 28.57 -21.68 -3.97
C THR A 64 29.13 -21.48 -2.55
N ARG A 65 30.18 -20.66 -2.45
CA ARG A 65 30.76 -20.26 -1.16
C ARG A 65 29.74 -19.63 -0.23
N LYS A 66 28.98 -18.67 -0.76
CA LYS A 66 27.91 -18.02 0.04
C LYS A 66 26.85 -18.97 0.51
N VAL A 67 26.37 -19.82 -0.40
CA VAL A 67 25.25 -20.68 -0.05
C VAL A 67 25.66 -21.73 0.97
N LYS A 68 26.91 -22.19 0.90
CA LYS A 68 27.44 -23.13 1.88
C LYS A 68 27.57 -22.45 3.24
N ALA A 69 27.88 -21.14 3.24
CA ALA A 69 27.99 -20.36 4.48
C ALA A 69 26.64 -20.15 5.12
N HIS A 70 25.62 -19.90 4.29
CA HIS A 70 24.24 -19.86 4.75
C HIS A 70 23.87 -21.23 5.36
N SER A 71 24.23 -22.29 4.66
CA SER A 71 23.88 -23.66 5.11
C SER A 71 24.44 -23.93 6.51
N GLN A 72 25.68 -23.50 6.72
CA GLN A 72 26.38 -23.74 7.99
C GLN A 72 25.75 -22.93 9.14
N THR A 73 25.38 -21.70 8.82
CA THR A 73 24.72 -20.81 9.81
C THR A 73 23.37 -21.42 10.25
N HIS A 74 22.59 -21.91 9.27
CA HIS A 74 21.24 -22.45 9.59
C HIS A 74 21.40 -23.77 10.32
N ARG A 75 22.47 -24.50 10.06
CA ARG A 75 22.77 -25.72 10.84
C ARG A 75 22.96 -25.41 12.32
N VAL A 76 23.75 -24.37 12.60
CA VAL A 76 23.92 -23.94 13.97
C VAL A 76 22.61 -23.46 14.57
N ASP A 77 21.87 -22.68 13.79
CA ASP A 77 20.57 -22.12 14.21
C ASP A 77 19.60 -23.15 14.71
N LEU A 78 19.48 -24.28 14.00
CA LEU A 78 18.62 -25.38 14.48
C LEU A 78 18.97 -25.83 15.91
N GLY A 79 20.26 -25.90 16.24
CA GLY A 79 20.68 -26.19 17.59
C GLY A 79 20.29 -25.09 18.59
N THR A 80 20.57 -23.84 18.22
CA THR A 80 20.34 -22.66 19.07
C THR A 80 18.85 -22.50 19.39
N LEU A 81 18.03 -22.75 18.37
CA LEU A 81 16.57 -22.56 18.51
C LEU A 81 15.97 -23.68 19.36
N ARG A 82 16.53 -24.88 19.29
CA ARG A 82 16.09 -25.88 20.21
C ARG A 82 16.41 -25.46 21.67
N GLY A 83 17.55 -24.79 21.87
CA GLY A 83 17.92 -24.26 23.21
C GLY A 83 16.96 -23.13 23.63
N TYR A 84 16.70 -22.19 22.73
CA TYR A 84 15.82 -21.05 23.06
C TYR A 84 14.42 -21.49 23.46
N TYR A 85 13.93 -22.54 22.80
CA TYR A 85 12.57 -22.99 23.01
C TYR A 85 12.45 -24.21 23.91
N ASN A 86 13.57 -24.65 24.49
CA ASN A 86 13.65 -25.85 25.38
C ASN A 86 13.02 -27.12 24.75
N GLN A 87 13.38 -27.38 23.50
CA GLN A 87 12.85 -28.48 22.72
C GLN A 87 13.82 -29.65 22.71
N SER A 88 13.31 -30.86 22.55
CA SER A 88 14.17 -32.05 22.59
C SER A 88 14.72 -32.41 21.19
N GLU A 89 15.52 -33.48 21.15
CA GLU A 89 15.94 -34.19 19.91
C GLU A 89 14.87 -35.07 19.26
N ALA A 90 13.68 -35.22 19.87
CA ALA A 90 12.70 -36.20 19.35
C ALA A 90 12.05 -35.88 18.00
N GLY A 91 12.01 -34.59 17.67
CA GLY A 91 11.36 -34.10 16.47
C GLY A 91 12.14 -33.21 15.51
N SER A 92 11.62 -33.10 14.30
CA SER A 92 12.29 -32.38 13.24
C SER A 92 11.78 -30.96 13.34
N HIS A 93 12.61 -29.98 12.98
CA HIS A 93 12.21 -28.59 13.02
C HIS A 93 12.69 -27.90 11.74
N THR A 94 12.10 -26.75 11.42
CA THR A 94 12.31 -26.11 10.13
C THR A 94 12.75 -24.66 10.37
N VAL A 95 13.86 -24.22 9.76
CA VAL A 95 14.12 -22.78 9.69
C VAL A 95 13.99 -22.33 8.22
N GLN A 96 13.42 -21.15 8.04
CA GLN A 96 13.32 -20.57 6.68
C GLN A 96 13.83 -19.15 6.77
N ARG A 97 14.49 -18.69 5.71
CA ARG A 97 14.91 -17.32 5.56
C ARG A 97 14.60 -16.86 4.13
N MET A 98 14.12 -15.65 3.96
CA MET A 98 13.90 -15.14 2.63
C MET A 98 14.32 -13.70 2.65
N TYR A 99 15.02 -13.28 1.62
CA TYR A 99 15.32 -11.87 1.50
C TYR A 99 15.40 -11.40 0.06
N GLY A 100 15.41 -10.09 -0.14
CA GLY A 100 15.51 -9.60 -1.50
C GLY A 100 15.03 -8.17 -1.64
N CYS A 101 14.84 -7.73 -2.86
CA CYS A 101 14.59 -6.33 -3.10
C CYS A 101 13.57 -6.18 -4.18
N ASP A 102 12.76 -5.11 -4.11
CA ASP A 102 11.80 -4.76 -5.16
C ASP A 102 12.25 -3.48 -5.87
N VAL A 103 12.03 -3.41 -7.18
CA VAL A 103 12.18 -2.17 -7.95
C VAL A 103 10.89 -1.87 -8.74
N GLY A 104 10.67 -0.62 -9.09
CA GLY A 104 9.48 -0.26 -9.85
C GLY A 104 9.75 -0.37 -11.35
N SER A 105 8.82 0.20 -12.13
CA SER A 105 8.93 0.29 -13.60
C SER A 105 10.21 0.93 -14.15
N ASP A 106 10.83 1.80 -13.36
CA ASP A 106 12.00 2.53 -13.81
C ASP A 106 13.28 1.89 -13.29
N TRP A 107 13.11 0.73 -12.66
CA TRP A 107 14.16 -0.08 -12.01
C TRP A 107 14.86 0.60 -10.85
N ARG A 108 14.15 1.52 -10.21
CA ARG A 108 14.71 2.14 -9.05
C ARG A 108 14.16 1.41 -7.85
N PHE A 109 15.01 1.29 -6.84
CA PHE A 109 14.66 0.68 -5.54
C PHE A 109 13.32 1.15 -4.95
N LEU A 110 12.48 0.21 -4.53
CA LEU A 110 11.25 0.53 -3.85
C LEU A 110 11.51 0.16 -2.39
N ARG A 111 11.69 -1.14 -2.16
CA ARG A 111 11.89 -1.63 -0.81
C ARG A 111 12.73 -2.90 -0.72
N GLY A 112 13.21 -3.18 0.48
CA GLY A 112 13.97 -4.39 0.73
C GLY A 112 13.34 -5.19 1.85
N TYR A 113 13.68 -6.49 1.93
CA TYR A 113 13.11 -7.33 3.00
C TYR A 113 14.07 -8.42 3.41
N HIS A 114 13.98 -8.85 4.65
CA HIS A 114 14.78 -9.96 5.11
C HIS A 114 14.01 -10.53 6.30
N GLN A 115 13.50 -11.75 6.15
CA GLN A 115 12.59 -12.34 7.11
C GLN A 115 13.05 -13.75 7.46
N TYR A 116 12.78 -14.17 8.70
CA TYR A 116 13.22 -15.49 9.15
C TYR A 116 12.03 -16.09 9.88
N ALA A 117 11.84 -17.40 9.72
CA ALA A 117 10.76 -18.16 10.37
C ALA A 117 11.29 -19.44 11.00
N TYR A 118 10.73 -19.83 12.14
CA TYR A 118 11.05 -21.11 12.76
C TYR A 118 9.75 -21.89 12.91
N ASP A 119 9.75 -23.11 12.40
CA ASP A 119 8.59 -24.01 12.42
C ASP A 119 7.32 -23.33 11.83
N GLY A 120 7.52 -22.62 10.72
CA GLY A 120 6.37 -22.11 9.95
C GLY A 120 5.75 -20.81 10.42
N LYS A 121 6.37 -20.20 11.43
CA LYS A 121 5.88 -18.96 12.04
C LYS A 121 6.94 -17.88 12.01
N ASP A 122 6.53 -16.62 11.83
CA ASP A 122 7.45 -15.46 11.89
C ASP A 122 8.33 -15.55 13.13
N TYR A 123 9.64 -15.32 12.94
CA TYR A 123 10.56 -15.30 14.07
C TYR A 123 11.12 -13.89 14.17
N ILE A 124 11.89 -13.47 13.18
CA ILE A 124 12.39 -12.10 13.21
C ILE A 124 12.45 -11.54 11.79
N ALA A 125 12.19 -10.24 11.64
CA ALA A 125 12.17 -9.64 10.29
C ALA A 125 12.74 -8.24 10.36
N LEU A 126 13.47 -7.86 9.33
CA LEU A 126 13.89 -6.50 9.16
C LEU A 126 12.73 -5.58 8.83
N LYS A 127 12.66 -4.43 9.50
CA LYS A 127 11.58 -3.48 9.25
C LYS A 127 11.86 -2.73 7.96
N GLU A 128 10.85 -2.01 7.47
CA GLU A 128 10.90 -1.34 6.18
C GLU A 128 11.98 -0.24 6.03
N ASP A 129 12.36 0.36 7.16
CA ASP A 129 13.49 1.31 7.20
C ASP A 129 14.87 0.66 7.05
N LEU A 130 14.92 -0.68 7.13
CA LEU A 130 16.17 -1.49 7.04
C LEU A 130 17.19 -1.19 8.17
N ARG A 131 16.69 -0.64 9.28
CA ARG A 131 17.51 -0.22 10.41
C ARG A 131 17.08 -0.87 11.73
N SER A 132 15.98 -1.63 11.74
CA SER A 132 15.43 -2.11 13.01
C SER A 132 14.71 -3.40 12.73
N TRP A 133 14.39 -4.12 13.81
CA TRP A 133 13.88 -5.48 13.78
C TRP A 133 12.49 -5.62 14.38
N THR A 134 11.70 -6.48 13.79
CA THR A 134 10.43 -6.94 14.40
C THR A 134 10.64 -8.37 14.90
N ALA A 135 10.60 -8.57 16.22
CA ALA A 135 10.84 -9.92 16.77
C ALA A 135 9.48 -10.42 17.24
N ALA A 136 9.13 -11.65 16.88
CA ALA A 136 7.75 -12.07 17.01
C ALA A 136 7.35 -12.65 18.38
N ASP A 137 8.36 -12.98 19.21
CA ASP A 137 8.19 -13.63 20.49
C ASP A 137 9.42 -13.40 21.34
N MET A 138 9.44 -13.97 22.54
CA MET A 138 10.53 -13.72 23.44
C MET A 138 11.86 -14.26 23.00
N ALA A 139 11.88 -15.45 22.42
CA ALA A 139 13.13 -16.02 21.93
C ALA A 139 13.70 -15.17 20.80
N ALA A 140 12.86 -14.60 19.97
CA ALA A 140 13.36 -13.79 18.87
C ALA A 140 13.90 -12.45 19.39
N GLN A 141 13.40 -11.99 20.55
CA GLN A 141 14.05 -10.83 21.20
C GLN A 141 15.53 -11.06 21.51
N THR A 142 15.88 -12.26 21.98
CA THR A 142 17.27 -12.63 22.16
C THR A 142 18.11 -12.47 20.89
N THR A 143 17.63 -13.02 19.79
CA THR A 143 18.27 -12.77 18.47
C THR A 143 18.38 -11.27 18.13
N LYS A 144 17.31 -10.53 18.36
CA LYS A 144 17.33 -9.10 18.09
C LYS A 144 18.47 -8.40 18.86
N HIS A 145 18.68 -8.74 20.13
CA HIS A 145 19.70 -8.03 20.93
C HIS A 145 21.05 -8.34 20.35
N LYS A 146 21.21 -9.61 19.98
CA LYS A 146 22.48 -10.11 19.44
C LYS A 146 22.76 -9.51 18.08
N TRP A 147 21.72 -9.44 17.26
CA TRP A 147 21.87 -8.82 15.92
C TRP A 147 22.02 -7.32 15.96
N GLU A 148 21.45 -6.66 16.98
CA GLU A 148 21.70 -5.24 17.17
C GLU A 148 23.14 -4.98 17.59
N ALA A 149 23.64 -5.78 18.54
CA ALA A 149 25.00 -5.59 19.01
C ALA A 149 26.04 -5.85 17.90
N ALA A 150 25.68 -6.69 16.94
CA ALA A 150 26.58 -7.12 15.86
C ALA A 150 26.38 -6.31 14.57
N HIS A 151 25.48 -5.33 14.64
CA HIS A 151 25.17 -4.41 13.52
C HIS A 151 24.77 -5.11 12.24
N VAL A 152 23.97 -6.17 12.37
CA VAL A 152 23.53 -6.95 11.21
C VAL A 152 22.68 -6.09 10.25
N ALA A 153 21.82 -5.22 10.79
CA ALA A 153 20.94 -4.44 9.89
C ALA A 153 21.70 -3.54 8.91
N GLU A 154 22.80 -2.96 9.37
CA GLU A 154 23.61 -2.10 8.50
C GLU A 154 24.20 -2.89 7.33
N GLN A 155 24.54 -4.14 7.59
CA GLN A 155 25.14 -5.02 6.59
C GLN A 155 24.08 -5.42 5.59
N LEU A 156 22.93 -5.82 6.12
CA LEU A 156 21.82 -6.19 5.25
C LEU A 156 21.35 -5.00 4.39
N ARG A 157 21.23 -3.84 5.00
CA ARG A 157 20.81 -2.65 4.23
C ARG A 157 21.74 -2.34 3.06
N ALA A 158 23.06 -2.43 3.29
CA ALA A 158 24.05 -2.24 2.23
C ALA A 158 23.88 -3.25 1.09
N TYR A 159 23.60 -4.51 1.44
CA TYR A 159 23.27 -5.52 0.43
C TYR A 159 21.97 -5.22 -0.34
N LEU A 160 20.88 -5.01 0.41
CA LEU A 160 19.55 -4.83 -0.15
C LEU A 160 19.44 -3.57 -1.03
N GLU A 161 20.05 -2.46 -0.62
CA GLU A 161 19.93 -1.21 -1.38
C GLU A 161 20.98 -1.10 -2.47
N GLY A 162 22.01 -1.96 -2.39
CA GLY A 162 23.18 -1.89 -3.29
C GLY A 162 23.30 -3.12 -4.20
N THR A 163 24.02 -4.15 -3.76
CA THR A 163 24.24 -5.41 -4.49
C THR A 163 22.98 -6.04 -5.04
N CYS A 164 21.95 -6.15 -4.19
CA CYS A 164 20.68 -6.79 -4.62
C CYS A 164 20.12 -6.12 -5.88
N VAL A 165 19.98 -4.79 -5.80
CA VAL A 165 19.42 -3.96 -6.86
C VAL A 165 20.29 -3.98 -8.13
N GLU A 166 21.61 -3.93 -7.93
CA GLU A 166 22.53 -3.95 -9.05
C GLU A 166 22.46 -5.26 -9.86
N TRP A 167 22.42 -6.38 -9.15
CA TRP A 167 22.37 -7.67 -9.79
C TRP A 167 21.00 -7.98 -10.37
N LEU A 168 19.93 -7.52 -9.69
CA LEU A 168 18.60 -7.61 -10.30
C LEU A 168 18.57 -6.89 -11.66
N ARG A 169 19.16 -5.69 -11.75
CA ARG A 169 19.25 -4.96 -13.04
C ARG A 169 20.03 -5.72 -14.11
N ARG A 170 21.17 -6.30 -13.74
CA ARG A 170 21.94 -7.12 -14.66
C ARG A 170 21.11 -8.30 -15.17
N TYR A 171 20.47 -9.01 -14.25
CA TYR A 171 19.65 -10.20 -14.65
C TYR A 171 18.50 -9.83 -15.57
N LEU A 172 17.82 -8.71 -15.27
CA LEU A 172 16.72 -8.19 -16.07
C LEU A 172 17.17 -7.90 -17.49
N GLU A 173 18.41 -7.40 -17.64
CA GLU A 173 18.99 -7.10 -18.94
C GLU A 173 19.41 -8.36 -19.69
N ASN A 174 20.14 -9.24 -19.00
CA ASN A 174 20.63 -10.49 -19.62
C ASN A 174 19.52 -11.48 -19.96
N GLY A 175 18.48 -11.50 -19.14
CA GLY A 175 17.34 -12.36 -19.39
C GLY A 175 16.13 -11.65 -19.92
N LYS A 176 16.36 -10.56 -20.65
CA LYS A 176 15.26 -9.68 -21.07
C LYS A 176 14.09 -10.35 -21.80
N GLU A 177 14.38 -11.27 -22.71
CA GLU A 177 13.36 -12.02 -23.44
C GLU A 177 12.40 -12.78 -22.51
N THR A 178 12.94 -13.41 -21.47
CA THR A 178 12.17 -14.14 -20.46
C THR A 178 11.55 -13.22 -19.41
N LEU A 179 12.38 -12.34 -18.87
CA LEU A 179 12.03 -11.58 -17.66
C LEU A 179 11.23 -10.31 -17.90
N GLN A 180 11.50 -9.63 -19.02
CA GLN A 180 10.75 -8.41 -19.31
C GLN A 180 9.60 -8.69 -20.27
N ARG A 181 9.04 -9.88 -20.23
CA ARG A 181 7.92 -10.16 -21.12
C ARG A 181 6.66 -10.10 -20.34
N THR A 182 5.56 -9.97 -21.06
CA THR A 182 4.28 -10.14 -20.42
C THR A 182 3.46 -11.02 -21.33
N ASP A 183 2.94 -12.12 -20.79
CA ASP A 183 2.07 -12.97 -21.58
C ASP A 183 0.67 -12.76 -21.03
N ALA A 184 -0.22 -12.20 -21.83
CA ALA A 184 -1.61 -11.99 -21.40
C ALA A 184 -2.32 -13.35 -21.29
N PRO A 185 -3.23 -13.49 -20.31
CA PRO A 185 -3.96 -14.74 -20.20
C PRO A 185 -4.90 -14.98 -21.36
N LYS A 186 -4.94 -16.24 -21.78
CA LYS A 186 -5.94 -16.72 -22.72
C LYS A 186 -7.10 -17.19 -21.86
N THR A 187 -8.27 -16.61 -22.03
CA THR A 187 -9.36 -16.80 -21.06
C THR A 187 -10.55 -17.47 -21.71
N HIS A 188 -11.32 -18.20 -20.91
CA HIS A 188 -12.61 -18.78 -21.36
C HIS A 188 -13.35 -19.23 -20.13
N MET A 189 -14.64 -19.52 -20.27
CA MET A 189 -15.35 -20.10 -19.16
C MET A 189 -15.94 -21.46 -19.58
N THR A 190 -16.09 -22.38 -18.63
CA THR A 190 -16.71 -23.64 -18.97
C THR A 190 -17.98 -23.80 -18.14
N HIS A 191 -18.88 -24.65 -18.64
CA HIS A 191 -20.18 -24.81 -18.05
C HIS A 191 -20.44 -26.30 -17.97
N HIS A 192 -20.73 -26.81 -16.78
CA HIS A 192 -21.12 -28.25 -16.64
C HIS A 192 -22.23 -28.47 -15.63
N ALA A 193 -23.26 -29.22 -16.01
CA ALA A 193 -24.38 -29.48 -15.10
C ALA A 193 -23.85 -30.35 -13.97
N VAL A 194 -24.23 -30.04 -12.72
CA VAL A 194 -23.94 -30.98 -11.61
C VAL A 194 -25.17 -31.71 -11.11
N SER A 195 -26.32 -31.34 -11.67
CA SER A 195 -27.60 -32.01 -11.47
C SER A 195 -28.54 -31.42 -12.49
N ASP A 196 -29.84 -31.72 -12.37
CA ASP A 196 -30.82 -31.15 -13.28
C ASP A 196 -31.15 -29.71 -12.96
N HIS A 197 -30.64 -29.18 -11.85
CA HIS A 197 -31.00 -27.84 -11.42
C HIS A 197 -29.83 -26.94 -11.09
N GLU A 198 -28.60 -27.46 -11.16
CA GLU A 198 -27.43 -26.60 -10.93
C GLU A 198 -26.29 -26.86 -11.90
N ALA A 199 -25.44 -25.87 -12.06
CA ALA A 199 -24.30 -25.93 -12.98
C ALA A 199 -23.06 -25.34 -12.38
N THR A 200 -21.90 -25.93 -12.64
CA THR A 200 -20.66 -25.28 -12.28
C THR A 200 -20.22 -24.33 -13.41
N LEU A 201 -19.92 -23.09 -13.06
CA LEU A 201 -19.33 -22.14 -14.02
C LEU A 201 -17.90 -21.96 -13.59
N ARG A 202 -16.98 -22.24 -14.48
CA ARG A 202 -15.57 -22.08 -14.13
C ARG A 202 -14.86 -21.12 -15.09
N CYS A 203 -14.21 -20.10 -14.52
CA CYS A 203 -13.53 -19.07 -15.29
C CYS A 203 -12.05 -19.42 -15.36
N TRP A 204 -11.51 -19.53 -16.56
CA TRP A 204 -10.12 -19.97 -16.74
C TRP A 204 -9.22 -18.86 -17.26
N ALA A 205 -7.98 -18.82 -16.77
CA ALA A 205 -6.92 -18.04 -17.35
C ALA A 205 -5.74 -18.95 -17.59
N LEU A 206 -5.17 -18.94 -18.79
CA LEU A 206 -4.11 -19.86 -19.14
C LEU A 206 -2.96 -19.11 -19.78
N SER A 207 -1.75 -19.68 -19.70
CA SER A 207 -0.62 -19.23 -20.52
C SER A 207 -0.18 -17.82 -20.18
N PHE A 208 -0.34 -17.43 -18.90
CA PHE A 208 0.11 -16.05 -18.52
C PHE A 208 1.41 -15.91 -17.74
N TYR A 209 1.96 -14.70 -17.82
CA TYR A 209 3.16 -14.31 -17.09
C TYR A 209 3.17 -12.80 -16.99
N PRO A 210 3.51 -12.22 -15.79
CA PRO A 210 3.88 -12.87 -14.50
C PRO A 210 2.68 -13.48 -13.82
N ALA A 211 2.92 -14.09 -12.66
CA ALA A 211 1.88 -14.92 -12.05
C ALA A 211 0.73 -14.13 -11.45
N GLU A 212 1.01 -12.85 -11.10
CA GLU A 212 -0.02 -12.00 -10.49
C GLU A 212 -1.22 -11.84 -11.40
N ILE A 213 -2.41 -12.16 -10.88
CA ILE A 213 -3.67 -12.10 -11.64
C ILE A 213 -4.85 -12.09 -10.63
N THR A 214 -5.95 -11.47 -11.04
CA THR A 214 -7.16 -11.48 -10.25
C THR A 214 -8.30 -12.01 -11.11
N LEU A 215 -9.03 -13.00 -10.59
CA LEU A 215 -10.19 -13.55 -11.27
C LEU A 215 -11.33 -13.44 -10.27
N THR A 216 -12.45 -12.88 -10.70
CA THR A 216 -13.55 -12.74 -9.76
C THR A 216 -14.86 -13.01 -10.50
N TRP A 217 -15.85 -13.52 -9.78
CA TRP A 217 -17.21 -13.72 -10.32
C TRP A 217 -18.15 -12.62 -9.81
N GLN A 218 -19.03 -12.08 -10.67
CA GLN A 218 -20.14 -11.21 -10.27
C GLN A 218 -21.49 -11.82 -10.60
N ARG A 219 -22.51 -11.54 -9.79
CA ARG A 219 -23.90 -11.91 -10.12
C ARG A 219 -24.66 -10.61 -10.17
N ASP A 220 -25.22 -10.25 -11.34
CA ASP A 220 -25.77 -8.89 -11.53
C ASP A 220 -24.84 -7.78 -11.03
N GLY A 221 -23.55 -7.89 -11.31
CA GLY A 221 -22.61 -6.88 -10.86
C GLY A 221 -22.14 -6.94 -9.41
N GLU A 222 -22.70 -7.84 -8.61
CA GLU A 222 -22.26 -7.99 -7.21
C GLU A 222 -21.23 -9.12 -7.04
N ASP A 223 -20.12 -8.83 -6.36
CA ASP A 223 -19.04 -9.82 -6.22
C ASP A 223 -19.52 -11.04 -5.43
N GLN A 224 -19.12 -12.24 -5.86
CA GLN A 224 -19.63 -13.46 -5.28
C GLN A 224 -18.50 -14.11 -4.48
N THR A 225 -17.80 -13.30 -3.68
CA THR A 225 -16.54 -13.73 -3.03
C THR A 225 -16.67 -15.00 -2.17
N GLN A 226 -17.71 -15.01 -1.34
CA GLN A 226 -17.96 -16.13 -0.44
C GLN A 226 -18.42 -17.40 -1.12
N ASP A 227 -18.89 -17.29 -2.35
CA ASP A 227 -19.41 -18.43 -3.09
C ASP A 227 -18.47 -18.91 -4.18
N THR A 228 -17.30 -18.28 -4.27
CA THR A 228 -16.34 -18.60 -5.32
C THR A 228 -15.26 -19.55 -4.78
N GLU A 229 -14.96 -20.59 -5.58
CA GLU A 229 -13.84 -21.47 -5.28
C GLU A 229 -12.69 -20.99 -6.12
N LEU A 230 -11.64 -20.52 -5.49
CA LEU A 230 -10.51 -19.93 -6.23
C LEU A 230 -9.29 -20.79 -5.99
N VAL A 231 -8.69 -21.40 -7.02
CA VAL A 231 -7.52 -22.25 -6.76
C VAL A 231 -6.22 -21.46 -6.74
N GLU A 232 -5.18 -22.03 -6.13
CA GLU A 232 -3.88 -21.35 -6.13
C GLU A 232 -3.32 -21.23 -7.56
N THR A 233 -2.74 -20.08 -7.90
CA THR A 233 -2.10 -19.92 -9.25
C THR A 233 -1.01 -21.01 -9.38
N ARG A 234 -0.96 -21.71 -10.51
CA ARG A 234 -0.11 -22.90 -10.62
C ARG A 234 0.73 -22.81 -11.89
N PRO A 235 1.96 -23.35 -11.87
CA PRO A 235 2.88 -23.34 -13.01
C PRO A 235 2.46 -24.34 -14.06
N ALA A 236 2.47 -23.90 -15.32
CA ALA A 236 2.20 -24.84 -16.41
C ALA A 236 3.47 -25.68 -16.70
N GLY A 237 4.64 -25.20 -16.29
CA GLY A 237 5.90 -25.95 -16.45
C GLY A 237 6.73 -25.40 -17.59
N ASP A 238 6.12 -24.53 -18.40
CA ASP A 238 6.80 -23.88 -19.53
C ASP A 238 7.17 -22.42 -19.27
N GLY A 239 7.06 -21.96 -18.03
CA GLY A 239 7.33 -20.56 -17.76
C GLY A 239 6.07 -19.70 -17.66
N THR A 240 4.90 -20.30 -17.90
CA THR A 240 3.63 -19.57 -17.75
C THR A 240 2.79 -20.17 -16.61
N PHE A 241 1.70 -19.48 -16.27
CA PHE A 241 0.85 -19.87 -15.14
C PHE A 241 -0.60 -20.06 -15.53
N GLN A 242 -1.36 -20.67 -14.65
CA GLN A 242 -2.79 -20.99 -14.91
C GLN A 242 -3.53 -20.70 -13.61
N LYS A 243 -4.82 -20.38 -13.70
CA LYS A 243 -5.65 -20.20 -12.49
C LYS A 243 -7.10 -20.33 -12.93
N TRP A 244 -7.94 -20.87 -12.07
CA TRP A 244 -9.40 -20.83 -12.35
C TRP A 244 -10.17 -20.39 -11.11
N ALA A 245 -11.40 -19.96 -11.32
CA ALA A 245 -12.33 -19.60 -10.24
C ALA A 245 -13.68 -20.23 -10.64
N ALA A 246 -14.37 -20.79 -9.68
CA ALA A 246 -15.67 -21.43 -9.98
C ALA A 246 -16.78 -21.05 -9.03
N VAL A 247 -18.01 -21.00 -9.57
CA VAL A 247 -19.20 -20.91 -8.74
C VAL A 247 -20.19 -22.01 -9.16
N VAL A 248 -21.07 -22.44 -8.27
CA VAL A 248 -22.15 -23.38 -8.64
C VAL A 248 -23.43 -22.58 -8.61
N VAL A 249 -24.16 -22.58 -9.72
CA VAL A 249 -25.30 -21.65 -9.83
C VAL A 249 -26.58 -22.40 -10.19
N PRO A 250 -27.76 -21.84 -9.87
CA PRO A 250 -28.97 -22.49 -10.39
C PRO A 250 -29.07 -22.45 -11.94
N SER A 251 -29.36 -23.56 -12.57
CA SER A 251 -29.53 -23.64 -14.03
C SER A 251 -30.60 -22.66 -14.48
N GLY A 252 -30.29 -21.88 -15.52
CA GLY A 252 -31.21 -20.86 -15.99
C GLY A 252 -30.72 -19.46 -15.61
N GLN A 253 -29.84 -19.37 -14.62
CA GLN A 253 -29.36 -18.06 -14.14
C GLN A 253 -28.00 -17.67 -14.70
N GLU A 254 -27.47 -18.43 -15.66
CA GLU A 254 -26.08 -18.23 -16.15
C GLU A 254 -25.82 -16.80 -16.63
N GLN A 255 -26.82 -16.19 -17.25
CA GLN A 255 -26.67 -14.86 -17.84
C GLN A 255 -26.52 -13.78 -16.78
N ARG A 256 -26.87 -14.07 -15.52
CA ARG A 256 -26.61 -13.09 -14.47
C ARG A 256 -25.13 -13.05 -14.07
N TYR A 257 -24.38 -14.10 -14.42
CA TYR A 257 -23.01 -14.24 -13.94
C TYR A 257 -21.94 -13.83 -14.96
N THR A 258 -20.97 -13.06 -14.47
CA THR A 258 -19.84 -12.64 -15.32
C THR A 258 -18.52 -12.93 -14.60
N CYS A 259 -17.49 -13.26 -15.36
CA CYS A 259 -16.16 -13.45 -14.77
C CYS A 259 -15.29 -12.29 -15.20
N HIS A 260 -14.41 -11.83 -14.31
CA HIS A 260 -13.67 -10.61 -14.55
C HIS A 260 -12.19 -10.93 -14.35
N VAL A 261 -11.35 -10.56 -15.31
CA VAL A 261 -9.95 -10.96 -15.28
C VAL A 261 -9.08 -9.73 -15.34
N GLN A 262 -8.13 -9.62 -14.41
CA GLN A 262 -7.19 -8.48 -14.45
C GLN A 262 -5.79 -9.07 -14.52
N HIS A 263 -5.01 -8.62 -15.50
CA HIS A 263 -3.62 -8.99 -15.59
C HIS A 263 -2.85 -7.87 -16.26
N GLU A 264 -1.57 -7.70 -15.93
CA GLU A 264 -0.77 -6.59 -16.47
C GLU A 264 -0.57 -6.69 -17.98
N GLY A 265 -0.74 -7.89 -18.54
CA GLY A 265 -0.69 -8.17 -19.97
C GLY A 265 -1.87 -7.77 -20.83
N LEU A 266 -2.99 -7.49 -20.17
CA LEU A 266 -4.20 -7.10 -20.85
C LEU A 266 -4.20 -5.60 -21.05
N PRO A 267 -4.51 -5.14 -22.27
CA PRO A 267 -4.67 -3.70 -22.47
C PRO A 267 -5.82 -3.12 -21.65
N LYS A 268 -6.90 -3.92 -21.46
CA LYS A 268 -8.02 -3.61 -20.55
C LYS A 268 -8.44 -4.89 -19.78
N PRO A 269 -8.94 -4.75 -18.52
CA PRO A 269 -9.48 -5.96 -17.86
C PRO A 269 -10.61 -6.59 -18.64
N LEU A 270 -10.76 -7.92 -18.58
CA LEU A 270 -11.75 -8.55 -19.44
C LEU A 270 -12.96 -8.92 -18.62
N THR A 271 -14.11 -8.86 -19.24
CA THR A 271 -15.33 -9.38 -18.65
C THR A 271 -15.86 -10.46 -19.57
N LEU A 272 -16.02 -11.68 -19.06
CA LEU A 272 -16.51 -12.78 -19.88
C LEU A 272 -17.95 -13.03 -19.48
N ARG A 273 -18.80 -13.32 -20.46
CA ARG A 273 -20.22 -13.43 -20.25
C ARG A 273 -20.81 -14.71 -20.82
N TRP A 274 -22.03 -15.04 -20.38
CA TRP A 274 -22.75 -16.21 -20.89
C TRP A 274 -23.81 -15.79 -21.92
N GLU A 275 -23.71 -14.55 -22.40
CA GLU A 275 -24.67 -14.05 -23.39
C GLU A 275 -23.92 -13.07 -24.28
N MET B 1 2.77 -27.38 17.22
CA MET B 1 3.49 -27.04 15.97
C MET B 1 2.54 -26.86 14.83
N ILE B 2 2.80 -25.80 14.06
CA ILE B 2 2.04 -25.47 12.87
C ILE B 2 2.10 -26.61 11.89
N GLN B 3 0.93 -26.96 11.36
CA GLN B 3 0.85 -27.89 10.24
C GLN B 3 -0.18 -27.29 9.28
N ARG B 4 0.14 -27.32 7.99
CA ARG B 4 -0.75 -26.82 6.96
C ARG B 4 -0.89 -27.87 5.88
N THR B 5 -2.12 -28.10 5.46
CA THR B 5 -2.44 -29.20 4.54
C THR B 5 -2.08 -28.84 3.07
N PRO B 6 -1.50 -29.77 2.29
CA PRO B 6 -1.30 -29.48 0.86
C PRO B 6 -2.61 -29.33 0.05
N LYS B 7 -2.62 -28.30 -0.79
CA LYS B 7 -3.68 -28.10 -1.77
C LYS B 7 -3.13 -28.77 -3.02
N ILE B 8 -3.83 -29.77 -3.53
CA ILE B 8 -3.30 -30.61 -4.64
C ILE B 8 -4.07 -30.32 -5.91
N GLN B 9 -3.36 -30.04 -7.00
CA GLN B 9 -4.00 -29.86 -8.32
C GLN B 9 -3.34 -30.77 -9.35
N VAL B 10 -4.11 -31.53 -10.12
CA VAL B 10 -3.56 -32.45 -11.15
C VAL B 10 -4.10 -31.93 -12.50
N TYR B 11 -3.21 -31.67 -13.45
CA TYR B 11 -3.62 -31.00 -14.70
C TYR B 11 -2.57 -31.16 -15.77
N SER B 12 -2.94 -30.86 -17.00
CA SER B 12 -1.96 -30.92 -18.08
C SER B 12 -1.42 -29.55 -18.42
N ARG B 13 -0.19 -29.53 -18.94
CA ARG B 13 0.43 -28.25 -19.31
C ARG B 13 -0.36 -27.51 -20.42
N HIS B 14 -0.74 -28.24 -21.46
CA HIS B 14 -1.53 -27.72 -22.58
C HIS B 14 -2.89 -28.42 -22.60
N PRO B 15 -3.90 -27.82 -23.27
CA PRO B 15 -5.22 -28.48 -23.41
C PRO B 15 -5.02 -29.88 -23.99
N ALA B 16 -5.57 -30.91 -23.35
CA ALA B 16 -5.23 -32.28 -23.74
C ALA B 16 -5.90 -32.68 -25.06
N GLU B 17 -5.16 -33.40 -25.90
CA GLU B 17 -5.70 -33.91 -27.12
C GLU B 17 -5.14 -35.32 -27.24
N ASN B 18 -6.00 -36.34 -27.40
CA ASN B 18 -5.53 -37.73 -27.41
C ASN B 18 -4.52 -37.96 -28.52
N GLY B 19 -3.38 -38.57 -28.18
CA GLY B 19 -2.39 -38.90 -29.20
C GLY B 19 -1.36 -37.81 -29.42
N LYS B 20 -1.49 -36.72 -28.68
CA LYS B 20 -0.57 -35.59 -28.75
C LYS B 20 0.19 -35.43 -27.45
N SER B 21 1.53 -35.44 -27.53
CA SER B 21 2.35 -35.35 -26.32
C SER B 21 2.11 -34.06 -25.56
N ASN B 22 2.35 -34.12 -24.26
CA ASN B 22 1.91 -33.10 -23.32
C ASN B 22 2.69 -33.39 -22.06
N PHE B 23 2.42 -32.60 -21.02
CA PHE B 23 2.97 -32.86 -19.69
C PHE B 23 1.86 -32.98 -18.68
N LEU B 24 1.99 -33.92 -17.75
CA LEU B 24 1.06 -34.12 -16.63
C LEU B 24 1.71 -33.50 -15.40
N ASN B 25 0.98 -32.63 -14.70
CA ASN B 25 1.51 -31.85 -13.58
C ASN B 25 0.73 -32.24 -12.35
N CYS B 26 1.41 -32.41 -11.23
CA CYS B 26 0.76 -32.41 -9.92
C CYS B 26 1.43 -31.30 -9.10
N TYR B 27 0.67 -30.25 -8.82
CA TYR B 27 1.18 -29.06 -8.07
C TYR B 27 0.64 -29.16 -6.66
N VAL B 28 1.55 -29.18 -5.69
CA VAL B 28 1.11 -29.22 -4.29
C VAL B 28 1.57 -27.91 -3.63
N SER B 29 0.67 -27.19 -3.01
CA SER B 29 1.05 -25.89 -2.42
C SER B 29 0.41 -25.69 -1.06
N GLY B 30 0.93 -24.73 -0.30
CA GLY B 30 0.22 -24.38 0.91
C GLY B 30 0.55 -25.24 2.10
N PHE B 31 1.55 -26.11 1.97
CA PHE B 31 1.86 -27.09 3.04
C PHE B 31 2.98 -26.75 4.01
N HIS B 32 2.90 -27.37 5.19
CA HIS B 32 3.95 -27.20 6.19
C HIS B 32 3.73 -28.35 7.20
N PRO B 33 4.80 -29.06 7.60
CA PRO B 33 6.20 -28.91 7.21
C PRO B 33 6.51 -29.46 5.81
N SER B 34 7.78 -29.40 5.44
CA SER B 34 8.13 -29.69 4.03
C SER B 34 8.14 -31.15 3.58
N ASP B 35 8.18 -32.07 4.54
CA ASP B 35 8.29 -33.51 4.22
C ASP B 35 6.97 -33.94 3.57
N ILE B 36 7.00 -34.44 2.33
CA ILE B 36 5.77 -34.75 1.59
C ILE B 36 6.10 -35.89 0.62
N GLU B 37 5.11 -36.78 0.36
CA GLU B 37 5.26 -37.81 -0.65
C GLU B 37 4.28 -37.58 -1.76
N VAL B 38 4.76 -37.49 -2.99
CA VAL B 38 3.89 -37.21 -4.11
C VAL B 38 4.23 -38.16 -5.24
N ASP B 39 3.24 -38.92 -5.73
CA ASP B 39 3.45 -39.79 -6.91
C ASP B 39 2.39 -39.55 -7.97
N LEU B 40 2.78 -39.62 -9.24
CA LEU B 40 1.84 -39.55 -10.33
C LEU B 40 1.45 -40.99 -10.60
N LEU B 41 0.15 -41.24 -10.83
CA LEU B 41 -0.30 -42.62 -11.10
C LEU B 41 -0.89 -42.74 -12.51
N LYS B 42 -0.60 -43.84 -13.16
CA LYS B 42 -1.23 -44.16 -14.44
C LYS B 42 -1.96 -45.49 -14.28
N ASN B 43 -3.28 -45.46 -14.46
CA ASN B 43 -4.17 -46.60 -14.20
C ASN B 43 -3.91 -47.27 -12.87
N GLY B 44 -3.69 -46.42 -11.87
CA GLY B 44 -3.44 -46.89 -10.52
C GLY B 44 -2.00 -47.15 -10.13
N GLU B 45 -1.09 -47.17 -11.10
CA GLU B 45 0.30 -47.53 -10.84
C GLU B 45 1.25 -46.35 -10.84
N ARG B 46 2.28 -46.40 -9.99
CA ARG B 46 3.29 -45.33 -9.92
C ARG B 46 4.08 -45.17 -11.23
N ILE B 47 4.15 -43.94 -11.73
CA ILE B 47 4.93 -43.62 -12.93
C ILE B 47 6.37 -43.39 -12.46
N GLU B 48 7.35 -44.01 -13.12
CA GLU B 48 8.76 -43.89 -12.69
C GLU B 48 9.45 -42.61 -13.20
N LYS B 49 8.99 -42.14 -14.35
CA LYS B 49 9.66 -41.05 -15.06
C LYS B 49 9.32 -39.66 -14.51
N VAL B 50 9.41 -39.43 -13.18
CA VAL B 50 8.79 -38.19 -12.63
C VAL B 50 9.81 -37.16 -12.08
N GLU B 51 9.77 -35.91 -12.54
CA GLU B 51 10.69 -34.93 -12.01
C GLU B 51 9.98 -34.00 -11.08
N HIS B 52 10.72 -33.22 -10.30
CA HIS B 52 10.05 -32.21 -9.48
C HIS B 52 10.91 -30.96 -9.39
N SER B 53 10.24 -29.86 -9.10
CA SER B 53 10.89 -28.58 -8.88
C SER B 53 11.63 -28.57 -7.55
N ASP B 54 12.47 -27.55 -7.38
CA ASP B 54 13.22 -27.36 -6.18
C ASP B 54 12.33 -26.72 -5.12
N LEU B 55 12.45 -27.19 -3.88
CA LEU B 55 11.57 -26.75 -2.79
C LEU B 55 11.66 -25.25 -2.59
N SER B 56 10.51 -24.59 -2.57
CA SER B 56 10.45 -23.13 -2.38
C SER B 56 9.24 -22.87 -1.54
N PHE B 57 9.03 -21.61 -1.19
CA PHE B 57 7.92 -21.30 -0.32
C PHE B 57 7.32 -19.94 -0.59
N SER B 58 6.10 -19.75 -0.10
CA SER B 58 5.37 -18.52 -0.34
C SER B 58 5.59 -17.47 0.71
N LYS B 59 4.94 -16.31 0.55
CA LYS B 59 5.03 -15.20 1.49
C LYS B 59 4.58 -15.56 2.90
N ASP B 60 3.72 -16.56 3.00
CA ASP B 60 3.19 -16.99 4.29
C ASP B 60 3.96 -18.18 4.88
N TRP B 61 5.09 -18.50 4.26
CA TRP B 61 6.05 -19.54 4.70
C TRP B 61 5.64 -20.93 4.23
N SER B 62 4.46 -21.09 3.64
CA SER B 62 4.08 -22.43 3.22
C SER B 62 4.80 -22.88 1.94
N PHE B 63 5.01 -24.17 1.83
CA PHE B 63 5.85 -24.69 0.74
C PHE B 63 5.06 -24.98 -0.53
N TYR B 64 5.78 -25.03 -1.65
CA TYR B 64 5.15 -25.54 -2.87
C TYR B 64 6.14 -26.33 -3.69
N LEU B 65 5.62 -27.29 -4.45
CA LEU B 65 6.40 -28.17 -5.35
C LEU B 65 5.56 -28.53 -6.56
N LEU B 66 6.19 -28.69 -7.69
CA LEU B 66 5.53 -29.19 -8.90
C LEU B 66 6.17 -30.53 -9.27
N TYR B 67 5.37 -31.57 -9.45
CA TYR B 67 5.85 -32.87 -9.90
C TYR B 67 5.32 -33.01 -11.30
N TYR B 68 6.11 -33.56 -12.22
CA TYR B 68 5.70 -33.55 -13.64
C TYR B 68 6.33 -34.62 -14.46
N THR B 69 5.64 -35.07 -15.53
CA THR B 69 6.21 -36.06 -16.43
C THR B 69 5.63 -35.79 -17.80
N GLU B 70 6.41 -36.11 -18.84
CA GLU B 70 5.86 -36.04 -20.19
C GLU B 70 4.88 -37.21 -20.35
N PHE B 71 3.74 -36.98 -21.00
CA PHE B 71 2.81 -38.08 -21.30
C PHE B 71 2.04 -37.81 -22.58
N THR B 72 1.39 -38.84 -23.13
CA THR B 72 0.56 -38.71 -24.30
C THR B 72 -0.80 -39.28 -23.93
N PRO B 73 -1.79 -38.38 -23.72
CA PRO B 73 -3.11 -38.82 -23.25
C PRO B 73 -3.82 -39.71 -24.27
N THR B 74 -4.66 -40.61 -23.76
CA THR B 74 -5.51 -41.43 -24.61
C THR B 74 -6.89 -41.40 -24.01
N GLU B 75 -7.83 -42.04 -24.71
CA GLU B 75 -9.20 -42.21 -24.27
C GLU B 75 -9.24 -43.02 -22.98
N LYS B 76 -8.49 -44.12 -22.95
CA LYS B 76 -8.66 -45.12 -21.89
C LYS B 76 -7.82 -44.89 -20.62
N ASP B 77 -6.67 -44.22 -20.73
CA ASP B 77 -5.74 -44.14 -19.60
C ASP B 77 -6.19 -43.13 -18.60
N GLU B 78 -6.12 -43.51 -17.33
CA GLU B 78 -6.56 -42.71 -16.21
C GLU B 78 -5.36 -42.27 -15.40
N TYR B 79 -5.30 -40.98 -15.11
CA TYR B 79 -4.17 -40.41 -14.41
C TYR B 79 -4.59 -39.77 -13.09
N ALA B 80 -3.65 -39.79 -12.14
CA ALA B 80 -3.92 -39.26 -10.80
C ALA B 80 -2.66 -38.85 -10.09
N CYS B 81 -2.83 -38.16 -8.97
CA CYS B 81 -1.68 -37.83 -8.14
C CYS B 81 -1.99 -38.33 -6.75
N ARG B 82 -1.05 -39.01 -6.11
CA ARG B 82 -1.22 -39.52 -4.75
C ARG B 82 -0.27 -38.78 -3.82
N VAL B 83 -0.81 -38.22 -2.74
CA VAL B 83 -0.03 -37.35 -1.85
C VAL B 83 -0.18 -37.86 -0.40
N ASN B 84 0.93 -38.02 0.33
CA ASN B 84 0.89 -38.23 1.78
C ASN B 84 1.67 -37.10 2.48
N HIS B 85 1.24 -36.76 3.71
CA HIS B 85 1.78 -35.58 4.42
C HIS B 85 1.26 -35.74 5.82
N VAL B 86 1.91 -35.17 6.83
CA VAL B 86 1.48 -35.39 8.22
C VAL B 86 0.03 -34.94 8.49
N THR B 87 -0.46 -33.97 7.71
CA THR B 87 -1.85 -33.48 7.86
C THR B 87 -2.95 -34.42 7.33
N LEU B 88 -2.58 -35.42 6.54
CA LEU B 88 -3.57 -36.29 5.88
C LEU B 88 -3.59 -37.59 6.59
N SER B 89 -4.75 -38.07 7.03
CA SER B 89 -4.73 -39.26 7.85
C SER B 89 -4.55 -40.53 7.00
N GLN B 90 -4.81 -40.41 5.71
CA GLN B 90 -4.51 -41.48 4.75
C GLN B 90 -3.96 -40.77 3.53
N PRO B 91 -3.22 -41.50 2.65
CA PRO B 91 -2.91 -40.89 1.36
C PRO B 91 -4.14 -40.41 0.57
N LYS B 92 -3.94 -39.31 -0.12
CA LYS B 92 -5.02 -38.64 -0.81
C LYS B 92 -4.75 -38.70 -2.30
N ILE B 93 -5.75 -39.20 -3.04
CA ILE B 93 -5.66 -39.35 -4.48
C ILE B 93 -6.59 -38.33 -5.17
N VAL B 94 -6.01 -37.51 -6.03
CA VAL B 94 -6.79 -36.58 -6.85
C VAL B 94 -6.69 -37.05 -8.32
N LYS B 95 -7.81 -37.34 -8.95
CA LYS B 95 -7.79 -37.78 -10.34
C LYS B 95 -7.70 -36.62 -11.32
N TRP B 96 -6.99 -36.83 -12.44
CA TRP B 96 -7.01 -35.88 -13.54
C TRP B 96 -8.36 -35.83 -14.25
N ASP B 97 -8.98 -34.64 -14.30
CA ASP B 97 -10.28 -34.49 -14.94
C ASP B 97 -10.01 -33.53 -16.09
N ARG B 98 -9.97 -34.04 -17.32
CA ARG B 98 -9.61 -33.16 -18.44
C ARG B 98 -10.75 -32.24 -18.88
N ASP B 99 -11.95 -32.40 -18.31
CA ASP B 99 -13.14 -31.63 -18.74
C ASP B 99 -13.55 -30.51 -17.77
N MET B 100 -12.60 -30.05 -16.96
CA MET B 100 -12.85 -28.92 -16.09
C MET B 100 -12.84 -27.57 -16.84
N GLU C 1 22.78 -12.14 -7.25
CA GLU C 1 23.77 -12.68 -6.28
C GLU C 1 23.18 -12.67 -4.89
N ALA C 2 23.47 -13.71 -4.11
CA ALA C 2 23.00 -13.75 -2.72
C ALA C 2 23.84 -12.85 -1.80
N ALA C 3 23.41 -12.72 -0.54
CA ALA C 3 24.14 -11.89 0.45
C ALA C 3 25.44 -12.52 0.93
N GLY C 4 26.51 -11.72 0.87
CA GLY C 4 27.85 -12.14 1.31
C GLY C 4 28.16 -11.56 2.68
N ILE C 5 27.27 -10.69 3.18
CA ILE C 5 27.41 -10.14 4.54
C ILE C 5 26.04 -10.15 5.19
N GLY C 6 26.00 -10.04 6.52
CA GLY C 6 24.72 -9.85 7.22
C GLY C 6 23.95 -11.10 7.56
N ILE C 7 24.53 -12.26 7.27
CA ILE C 7 23.84 -13.52 7.50
C ILE C 7 24.54 -14.15 8.67
N LEU C 8 23.96 -13.96 9.83
CA LEU C 8 24.61 -14.33 11.08
C LEU C 8 23.73 -15.36 11.78
N THR C 9 24.33 -16.17 12.65
CA THR C 9 23.55 -17.12 13.47
C THR C 9 22.55 -16.41 14.38
N VAL C 10 21.38 -16.99 14.60
CA VAL C 10 20.38 -16.38 15.51
C VAL C 10 20.76 -16.55 17.02
N GLY D 1 5.17 2.15 6.30
CA GLY D 1 3.73 1.78 6.32
C GLY D 1 3.06 2.28 5.06
N SER D 2 1.77 2.56 5.15
CA SER D 2 0.97 3.00 4.00
C SER D 2 1.19 4.47 3.58
N HIS D 3 0.89 4.81 2.32
CA HIS D 3 1.09 6.16 1.77
C HIS D 3 -0.06 6.54 0.85
N SER D 4 -0.26 7.84 0.63
CA SER D 4 -1.33 8.32 -0.24
C SER D 4 -0.82 9.43 -1.18
N MET D 5 -1.42 9.53 -2.35
CA MET D 5 -1.29 10.71 -3.19
C MET D 5 -2.69 11.26 -3.44
N ARG D 6 -2.88 12.56 -3.29
CA ARG D 6 -4.21 13.08 -3.45
C ARG D 6 -4.11 14.39 -4.23
N TYR D 7 -5.05 14.59 -5.15
CA TYR D 7 -5.18 15.87 -5.84
C TYR D 7 -6.50 16.53 -5.44
N PHE D 8 -6.50 17.85 -5.21
CA PHE D 8 -7.68 18.57 -4.76
C PHE D 8 -7.95 19.72 -5.75
N PHE D 9 -9.20 19.90 -6.20
CA PHE D 9 -9.47 20.94 -7.22
C PHE D 9 -10.66 21.77 -6.73
N THR D 10 -10.56 23.09 -6.79
CA THR D 10 -11.67 23.93 -6.37
C THR D 10 -11.95 24.91 -7.49
N SER D 11 -13.23 25.03 -7.91
CA SER D 11 -13.62 26.11 -8.84
C SER D 11 -14.75 26.89 -8.24
N VAL D 12 -14.71 28.21 -8.33
CA VAL D 12 -15.67 29.07 -7.67
C VAL D 12 -16.16 30.06 -8.73
N SER D 13 -17.44 30.06 -9.05
CA SER D 13 -17.94 31.11 -9.96
C SER D 13 -18.01 32.48 -9.33
N ARG D 14 -17.81 33.47 -10.19
CA ARG D 14 -17.81 34.85 -9.76
C ARG D 14 -18.44 35.72 -10.83
N PRO D 15 -19.76 35.64 -10.94
CA PRO D 15 -20.52 36.29 -12.03
C PRO D 15 -20.25 37.78 -12.09
N GLY D 16 -19.72 38.24 -13.23
CA GLY D 16 -19.35 39.64 -13.40
C GLY D 16 -17.94 40.04 -12.98
N ARG D 17 -17.22 39.11 -12.37
CA ARG D 17 -15.90 39.38 -11.82
C ARG D 17 -14.87 38.47 -12.45
N GLY D 18 -15.23 37.90 -13.60
CA GLY D 18 -14.32 37.09 -14.36
C GLY D 18 -14.75 35.65 -14.55
N GLU D 19 -13.87 34.90 -15.22
CA GLU D 19 -14.00 33.47 -15.36
C GLU D 19 -13.85 32.87 -13.95
N PRO D 20 -14.39 31.66 -13.70
CA PRO D 20 -14.28 31.06 -12.38
C PRO D 20 -12.86 30.95 -11.88
N ARG D 21 -12.66 31.17 -10.58
CA ARG D 21 -11.36 30.95 -9.96
C ARG D 21 -11.14 29.45 -9.96
N PHE D 22 -9.94 28.98 -10.31
CA PHE D 22 -9.64 27.55 -10.25
C PHE D 22 -8.30 27.36 -9.51
N ILE D 23 -8.28 26.48 -8.50
CA ILE D 23 -7.02 26.21 -7.78
C ILE D 23 -6.86 24.71 -7.65
N ALA D 24 -5.66 24.14 -7.95
CA ALA D 24 -5.46 22.69 -7.85
C ALA D 24 -4.26 22.56 -6.97
N VAL D 25 -4.24 21.55 -6.09
CA VAL D 25 -3.05 21.22 -5.36
C VAL D 25 -2.90 19.72 -5.30
N GLY D 26 -1.65 19.26 -5.22
CA GLY D 26 -1.37 17.85 -5.08
C GLY D 26 -0.53 17.59 -3.81
N TYR D 27 -0.84 16.48 -3.13
CA TYR D 27 -0.14 16.10 -1.92
C TYR D 27 0.33 14.67 -2.00
N VAL D 28 1.48 14.37 -1.38
CA VAL D 28 1.82 13.03 -1.02
C VAL D 28 1.77 13.00 0.50
N ASP D 29 0.92 12.13 1.06
CA ASP D 29 0.64 12.11 2.50
C ASP D 29 0.26 13.54 2.91
N ASP D 30 0.96 14.10 3.90
CA ASP D 30 0.65 15.49 4.34
C ASP D 30 1.64 16.52 3.82
N THR D 31 2.25 16.27 2.65
CA THR D 31 3.23 17.18 2.11
C THR D 31 2.77 17.63 0.74
N GLN D 32 2.56 18.95 0.56
CA GLN D 32 2.21 19.47 -0.78
C GLN D 32 3.38 19.40 -1.74
N PHE D 33 3.11 19.12 -3.02
CA PHE D 33 4.20 19.15 -3.96
C PHE D 33 3.91 19.92 -5.26
N VAL D 34 2.65 20.14 -5.59
CA VAL D 34 2.35 21.00 -6.77
C VAL D 34 1.16 21.91 -6.54
N ARG D 35 1.08 22.97 -7.34
CA ARG D 35 -0.13 23.82 -7.38
C ARG D 35 -0.35 24.37 -8.77
N PHE D 36 -1.60 24.79 -9.02
CA PHE D 36 -1.96 25.65 -10.14
C PHE D 36 -2.97 26.63 -9.61
N ASP D 37 -2.84 27.91 -9.98
CA ASP D 37 -3.82 28.94 -9.66
C ASP D 37 -4.15 29.70 -10.93
N SER D 38 -5.43 29.71 -11.29
CA SER D 38 -5.92 30.43 -12.50
C SER D 38 -5.71 31.95 -12.50
N ASP D 39 -5.57 32.54 -11.33
CA ASP D 39 -5.36 33.97 -11.28
C ASP D 39 -3.87 34.32 -11.22
N ALA D 40 -2.98 33.33 -11.14
CA ALA D 40 -1.55 33.65 -11.15
C ALA D 40 -1.05 33.92 -12.55
N ALA D 41 0.20 34.41 -12.62
CA ALA D 41 0.78 34.91 -13.84
C ALA D 41 1.24 33.78 -14.73
N SER D 42 1.79 32.74 -14.12
CA SER D 42 2.55 31.76 -14.88
C SER D 42 1.69 30.91 -15.80
N GLN D 43 0.45 30.65 -15.38
CA GLN D 43 -0.47 29.77 -16.08
C GLN D 43 0.12 28.36 -16.23
N ARG D 44 0.93 27.93 -15.26
CA ARG D 44 1.61 26.65 -15.32
C ARG D 44 1.36 25.89 -14.03
N MET D 45 1.42 24.56 -14.09
CA MET D 45 1.52 23.78 -12.86
C MET D 45 2.92 24.06 -12.30
N GLU D 46 3.02 24.33 -10.98
CA GLU D 46 4.29 24.79 -10.37
C GLU D 46 4.71 23.86 -9.25
N PRO D 47 6.03 23.67 -9.06
CA PRO D 47 6.56 22.87 -7.96
C PRO D 47 6.31 23.56 -6.63
N ARG D 48 5.98 22.77 -5.62
CA ARG D 48 5.86 23.26 -4.24
C ARG D 48 6.61 22.36 -3.24
N ALA D 49 7.49 21.52 -3.76
CA ALA D 49 8.34 20.67 -2.91
C ALA D 49 9.66 20.64 -3.60
N PRO D 50 10.78 20.67 -2.84
CA PRO D 50 12.07 20.61 -3.55
C PRO D 50 12.32 19.32 -4.33
N TRP D 51 11.74 18.21 -3.91
CA TRP D 51 11.98 16.96 -4.61
C TRP D 51 11.20 16.74 -5.92
N ILE D 52 10.23 17.60 -6.23
CA ILE D 52 9.51 17.50 -7.50
C ILE D 52 10.18 18.37 -8.55
N GLU D 53 11.03 19.33 -8.13
CA GLU D 53 11.65 20.31 -9.05
C GLU D 53 12.50 19.68 -10.14
N GLN D 54 13.05 18.49 -9.85
CA GLN D 54 13.85 17.74 -10.80
C GLN D 54 13.11 17.15 -12.01
N GLU D 55 11.78 17.08 -11.97
CA GLU D 55 11.01 16.57 -13.09
C GLU D 55 11.22 17.42 -14.32
N GLY D 56 11.24 16.78 -15.49
CA GLY D 56 11.66 17.47 -16.69
C GLY D 56 10.55 18.25 -17.35
N PRO D 57 10.86 18.91 -18.48
CA PRO D 57 9.92 19.76 -19.17
C PRO D 57 8.61 19.10 -19.67
N GLU D 58 8.70 17.84 -20.12
CA GLU D 58 7.55 17.00 -20.49
C GLU D 58 6.57 16.83 -19.33
N TYR D 59 7.13 16.67 -18.12
CA TYR D 59 6.32 16.54 -16.92
C TYR D 59 5.57 17.81 -16.75
N TRP D 60 6.27 18.95 -16.71
CA TRP D 60 5.58 20.20 -16.40
C TRP D 60 4.58 20.64 -17.48
N ASP D 61 4.91 20.37 -18.74
CA ASP D 61 3.96 20.64 -19.82
C ASP D 61 2.73 19.76 -19.72
N GLY D 62 2.96 18.47 -19.46
CA GLY D 62 1.89 17.48 -19.38
C GLY D 62 0.94 17.77 -18.23
N GLU D 63 1.51 18.12 -17.07
CA GLU D 63 0.70 18.41 -15.88
C GLU D 63 -0.07 19.71 -16.04
N THR D 64 0.54 20.69 -16.68
CA THR D 64 -0.12 21.96 -17.04
C THR D 64 -1.33 21.75 -17.98
N ARG D 65 -1.14 20.95 -19.05
CA ARG D 65 -2.26 20.55 -19.94
C ARG D 65 -3.40 19.86 -19.20
N LYS D 66 -3.08 18.92 -18.33
CA LYS D 66 -4.12 18.22 -17.56
C LYS D 66 -4.90 19.16 -16.66
N VAL D 67 -4.18 20.02 -15.96
CA VAL D 67 -4.85 20.87 -14.98
C VAL D 67 -5.72 21.94 -15.68
N LYS D 68 -5.26 22.44 -16.83
CA LYS D 68 -6.09 23.30 -17.67
C LYS D 68 -7.34 22.60 -18.17
N ALA D 69 -7.20 21.32 -18.52
CA ALA D 69 -8.38 20.50 -18.92
C ALA D 69 -9.36 20.35 -17.78
N HIS D 70 -8.88 20.06 -16.57
CA HIS D 70 -9.76 19.96 -15.40
C HIS D 70 -10.49 21.31 -15.19
N SER D 71 -9.75 22.39 -15.37
CA SER D 71 -10.31 23.72 -15.16
C SER D 71 -11.46 24.03 -16.14
N GLN D 72 -11.27 23.64 -17.38
CA GLN D 72 -12.28 23.86 -18.41
C GLN D 72 -13.50 22.97 -18.13
N THR D 73 -13.26 21.76 -17.65
CA THR D 73 -14.38 20.84 -17.34
C THR D 73 -15.24 21.41 -16.19
N HIS D 74 -14.56 21.94 -15.17
CA HIS D 74 -15.29 22.57 -14.04
C HIS D 74 -16.00 23.85 -14.41
N ARG D 75 -15.45 24.56 -15.37
CA ARG D 75 -16.10 25.79 -15.86
C ARG D 75 -17.43 25.46 -16.53
N VAL D 76 -17.44 24.42 -17.34
CA VAL D 76 -18.68 23.90 -17.90
C VAL D 76 -19.63 23.41 -16.82
N ASP D 77 -19.11 22.61 -15.89
CA ASP D 77 -19.85 22.06 -14.74
C ASP D 77 -20.62 23.13 -13.96
N LEU D 78 -19.97 24.26 -13.65
CA LEU D 78 -20.66 25.36 -12.93
C LEU D 78 -21.94 25.78 -13.66
N GLY D 79 -21.87 25.88 -15.00
CA GLY D 79 -23.06 26.14 -15.82
C GLY D 79 -24.11 25.02 -15.81
N THR D 80 -23.65 23.78 -15.95
CA THR D 80 -24.54 22.62 -15.90
C THR D 80 -25.26 22.53 -14.59
N LEU D 81 -24.53 22.72 -13.50
CA LEU D 81 -25.12 22.51 -12.16
C LEU D 81 -26.14 23.59 -11.82
N ARG D 82 -25.91 24.81 -12.31
CA ARG D 82 -26.89 25.88 -12.15
C ARG D 82 -28.20 25.55 -12.84
N GLY D 83 -28.10 24.93 -14.03
CA GLY D 83 -29.26 24.39 -14.74
C GLY D 83 -29.92 23.23 -14.01
N TYR D 84 -29.15 22.25 -13.54
CA TYR D 84 -29.73 21.11 -12.82
C TYR D 84 -30.48 21.55 -11.56
N TYR D 85 -29.97 22.55 -10.86
CA TYR D 85 -30.59 23.00 -9.61
C TYR D 85 -31.49 24.21 -9.77
N ASN D 86 -31.68 24.68 -11.01
CA ASN D 86 -32.51 25.90 -11.34
C ASN D 86 -32.13 27.11 -10.48
N GLN D 87 -30.85 27.44 -10.52
CA GLN D 87 -30.31 28.49 -9.68
C GLN D 87 -29.99 29.66 -10.59
N SER D 88 -29.98 30.88 -10.04
CA SER D 88 -29.86 32.00 -10.93
C SER D 88 -28.42 32.31 -11.33
N GLU D 89 -28.28 33.23 -12.29
CA GLU D 89 -26.99 33.58 -12.85
C GLU D 89 -26.15 34.42 -11.89
N ALA D 90 -26.81 35.09 -10.94
CA ALA D 90 -26.22 36.12 -10.10
C ALA D 90 -25.32 35.60 -8.99
N GLY D 91 -25.55 34.38 -8.53
CA GLY D 91 -24.85 33.89 -7.33
C GLY D 91 -23.58 33.12 -7.54
N SER D 92 -22.70 33.14 -6.53
CA SER D 92 -21.42 32.41 -6.57
C SER D 92 -21.63 30.98 -6.07
N HIS D 93 -21.12 30.00 -6.82
CA HIS D 93 -21.18 28.57 -6.44
C HIS D 93 -19.80 27.91 -6.46
N THR D 94 -19.65 26.77 -5.77
CA THR D 94 -18.35 26.10 -5.62
C THR D 94 -18.45 24.66 -6.11
N VAL D 95 -17.50 24.20 -6.92
CA VAL D 95 -17.34 22.76 -7.21
C VAL D 95 -15.98 22.32 -6.66
N GLN D 96 -15.94 21.13 -6.10
CA GLN D 96 -14.69 20.63 -5.53
C GLN D 96 -14.58 19.22 -5.99
N ARG D 97 -13.38 18.81 -6.38
CA ARG D 97 -13.14 17.40 -6.75
C ARG D 97 -11.84 16.96 -6.05
N MET D 98 -11.82 15.74 -5.51
CA MET D 98 -10.62 15.21 -4.91
C MET D 98 -10.52 13.79 -5.39
N TYR D 99 -9.30 13.37 -5.73
CA TYR D 99 -9.11 11.95 -6.07
C TYR D 99 -7.70 11.50 -5.73
N GLY D 100 -7.50 10.19 -5.61
CA GLY D 100 -6.13 9.71 -5.50
C GLY D 100 -6.09 8.28 -5.05
N CYS D 101 -4.90 7.84 -4.65
CA CYS D 101 -4.69 6.42 -4.36
C CYS D 101 -3.88 6.24 -3.09
N ASP D 102 -4.08 5.10 -2.43
CA ASP D 102 -3.28 4.65 -1.30
C ASP D 102 -2.51 3.41 -1.73
N VAL D 103 -1.29 3.24 -1.20
CA VAL D 103 -0.53 1.98 -1.27
C VAL D 103 -0.23 1.49 0.15
N GLY D 104 -0.08 0.18 0.34
CA GLY D 104 0.23 -0.31 1.69
C GLY D 104 1.72 -0.45 1.86
N SER D 105 2.14 -1.33 2.79
CA SER D 105 3.54 -1.56 3.16
C SER D 105 4.35 -2.13 2.03
N ASP D 106 3.70 -2.91 1.17
CA ASP D 106 4.36 -3.55 0.05
C ASP D 106 4.47 -2.63 -1.16
N TRP D 107 4.06 -1.37 -0.97
CA TRP D 107 3.99 -0.30 -1.99
C TRP D 107 3.05 -0.62 -3.16
N ARG D 108 2.08 -1.49 -2.93
CA ARG D 108 1.16 -1.86 -4.00
C ARG D 108 -0.20 -1.29 -3.69
N PHE D 109 -1.00 -1.12 -4.72
CA PHE D 109 -2.32 -0.51 -4.61
C PHE D 109 -3.16 -1.06 -3.48
N LEU D 110 -3.71 -0.13 -2.69
CA LEU D 110 -4.56 -0.48 -1.57
C LEU D 110 -5.99 -0.03 -1.80
N ARG D 111 -6.15 1.24 -2.17
CA ARG D 111 -7.48 1.76 -2.47
C ARG D 111 -7.42 3.05 -3.25
N GLY D 112 -8.53 3.37 -3.91
CA GLY D 112 -8.58 4.56 -4.74
C GLY D 112 -9.87 5.30 -4.44
N TYR D 113 -9.89 6.60 -4.78
CA TYR D 113 -11.07 7.38 -4.47
C TYR D 113 -11.23 8.49 -5.49
N HIS D 114 -12.47 8.90 -5.74
CA HIS D 114 -12.68 10.05 -6.59
C HIS D 114 -14.04 10.60 -6.17
N GLN D 115 -14.07 11.82 -5.62
CA GLN D 115 -15.26 12.34 -4.93
C GLN D 115 -15.51 13.76 -5.50
N TYR D 116 -16.77 14.16 -5.59
CA TYR D 116 -17.09 15.48 -6.13
C TYR D 116 -18.15 16.11 -5.22
N ALA D 117 -18.05 17.42 -5.01
CA ALA D 117 -19.03 18.16 -4.18
C ALA D 117 -19.52 19.39 -4.91
N TYR D 118 -20.76 19.78 -4.66
CA TYR D 118 -21.26 21.09 -5.17
C TYR D 118 -21.76 21.86 -3.97
N ASP D 119 -21.28 23.09 -3.82
CA ASP D 119 -21.68 24.00 -2.72
C ASP D 119 -21.47 23.37 -1.34
N GLY D 120 -20.39 22.61 -1.21
CA GLY D 120 -19.98 22.06 0.10
C GLY D 120 -20.66 20.79 0.55
N LYS D 121 -21.37 20.14 -0.35
CA LYS D 121 -22.17 18.95 -0.06
C LYS D 121 -21.72 17.88 -1.04
N ASP D 122 -21.53 16.63 -0.57
CA ASP D 122 -21.44 15.46 -1.50
C ASP D 122 -22.36 15.55 -2.70
N TYR D 123 -21.80 15.41 -3.89
CA TYR D 123 -22.55 15.34 -5.10
C TYR D 123 -22.47 13.92 -5.71
N ILE D 124 -21.29 13.49 -6.11
CA ILE D 124 -21.16 12.10 -6.62
C ILE D 124 -19.78 11.57 -6.20
N ALA D 125 -19.72 10.28 -5.88
CA ALA D 125 -18.48 9.67 -5.44
C ALA D 125 -18.35 8.26 -5.99
N LEU D 126 -17.13 7.93 -6.41
CA LEU D 126 -16.79 6.56 -6.82
C LEU D 126 -16.73 5.70 -5.56
N LYS D 127 -17.41 4.55 -5.60
CA LYS D 127 -17.35 3.64 -4.47
C LYS D 127 -16.01 2.91 -4.44
N GLU D 128 -15.74 2.25 -3.31
CA GLU D 128 -14.47 1.57 -3.06
C GLU D 128 -14.17 0.46 -4.11
N ASP D 129 -15.24 -0.13 -4.63
CA ASP D 129 -15.11 -1.17 -5.68
C ASP D 129 -14.64 -0.63 -7.03
N LEU D 130 -14.65 0.71 -7.14
CA LEU D 130 -14.15 1.44 -8.32
C LEU D 130 -15.00 1.18 -9.57
N ARG D 131 -16.22 0.74 -9.36
CA ARG D 131 -17.09 0.26 -10.42
C ARG D 131 -18.45 0.89 -10.35
N SER D 132 -18.78 1.54 -9.25
CA SER D 132 -20.15 2.06 -9.10
C SER D 132 -20.10 3.39 -8.42
N TRP D 133 -21.25 4.08 -8.40
CA TRP D 133 -21.30 5.47 -7.93
C TRP D 133 -22.28 5.65 -6.77
N THR D 134 -21.94 6.51 -5.83
CA THR D 134 -22.90 7.03 -4.83
C THR D 134 -23.34 8.42 -5.25
N ALA D 135 -24.63 8.59 -5.54
CA ALA D 135 -25.11 9.85 -6.11
C ALA D 135 -26.25 10.28 -5.25
N ALA D 136 -25.97 11.27 -4.41
CA ALA D 136 -26.77 11.52 -3.24
C ALA D 136 -27.99 12.44 -3.42
N ASP D 137 -28.24 12.96 -4.64
CA ASP D 137 -29.50 13.60 -4.96
C ASP D 137 -29.93 13.34 -6.41
N MET D 138 -31.09 13.86 -6.80
CA MET D 138 -31.57 13.60 -8.15
C MET D 138 -30.70 14.19 -9.26
N ALA D 139 -30.11 15.37 -9.01
CA ALA D 139 -29.24 15.96 -10.05
C ALA D 139 -28.00 15.10 -10.24
N ALA D 140 -27.44 14.60 -9.14
CA ALA D 140 -26.29 13.69 -9.22
C ALA D 140 -26.61 12.37 -9.87
N GLN D 141 -27.87 11.91 -9.79
CA GLN D 141 -28.27 10.74 -10.56
C GLN D 141 -28.21 10.99 -12.09
N THR D 142 -28.57 12.19 -12.53
CA THR D 142 -28.42 12.57 -13.94
C THR D 142 -26.95 12.46 -14.32
N THR D 143 -26.04 12.94 -13.46
CA THR D 143 -24.62 12.81 -13.76
C THR D 143 -24.19 11.33 -13.81
N LYS D 144 -24.68 10.57 -12.85
CA LYS D 144 -24.43 9.11 -12.80
C LYS D 144 -24.83 8.41 -14.10
N HIS D 145 -26.04 8.65 -14.62
CA HIS D 145 -26.43 8.03 -15.88
C HIS D 145 -25.49 8.35 -17.04
N LYS D 146 -25.08 9.60 -17.10
CA LYS D 146 -24.21 10.07 -18.19
C LYS D 146 -22.80 9.46 -18.03
N TRP D 147 -22.33 9.40 -16.78
CA TRP D 147 -20.98 8.84 -16.47
C TRP D 147 -20.95 7.32 -16.63
N GLU D 148 -22.11 6.68 -16.39
CA GLU D 148 -22.23 5.27 -16.67
C GLU D 148 -22.20 5.01 -18.17
N ALA D 149 -22.98 5.77 -18.95
CA ALA D 149 -22.98 5.57 -20.40
C ALA D 149 -21.60 5.82 -21.06
N ALA D 150 -20.85 6.77 -20.51
CA ALA D 150 -19.49 7.11 -20.99
C ALA D 150 -18.36 6.24 -20.39
N HIS D 151 -18.71 5.30 -19.52
CA HIS D 151 -17.69 4.41 -18.89
C HIS D 151 -16.59 5.13 -18.12
N VAL D 152 -16.98 6.19 -17.42
CA VAL D 152 -16.07 7.01 -16.61
C VAL D 152 -15.36 6.18 -15.52
N ALA D 153 -16.10 5.30 -14.85
CA ALA D 153 -15.50 4.56 -13.70
C ALA D 153 -14.34 3.67 -14.16
N GLU D 154 -14.48 3.08 -15.34
CA GLU D 154 -13.41 2.29 -15.93
C GLU D 154 -12.12 3.06 -16.16
N GLN D 155 -12.25 4.27 -16.69
CA GLN D 155 -11.15 5.18 -16.92
C GLN D 155 -10.52 5.58 -15.61
N LEU D 156 -11.33 5.96 -14.62
CA LEU D 156 -10.77 6.32 -13.31
C LEU D 156 -10.07 5.17 -12.61
N ARG D 157 -10.67 3.98 -12.66
CA ARG D 157 -9.99 2.79 -12.12
C ARG D 157 -8.63 2.52 -12.76
N ALA D 158 -8.51 2.65 -14.08
CA ALA D 158 -7.20 2.49 -14.75
C ALA D 158 -6.16 3.52 -14.26
N TYR D 159 -6.59 4.77 -14.08
CA TYR D 159 -5.73 5.82 -13.54
C TYR D 159 -5.34 5.50 -12.10
N LEU D 160 -6.31 5.16 -11.28
CA LEU D 160 -6.04 5.03 -9.84
C LEU D 160 -5.18 3.84 -9.54
N GLU D 161 -5.40 2.76 -10.29
CA GLU D 161 -4.57 1.56 -10.09
C GLU D 161 -3.25 1.56 -10.83
N GLY D 162 -3.16 2.43 -11.82
CA GLY D 162 -1.99 2.50 -12.67
C GLY D 162 -1.08 3.65 -12.35
N THR D 163 -1.24 4.69 -13.17
CA THR D 163 -0.50 5.94 -13.16
C THR D 163 -0.35 6.53 -11.76
N CYS D 164 -1.46 6.56 -11.02
CA CYS D 164 -1.44 7.09 -9.64
C CYS D 164 -0.44 6.35 -8.77
N VAL D 165 -0.48 5.03 -8.82
CA VAL D 165 0.44 4.19 -8.02
C VAL D 165 1.87 4.31 -8.52
N GLU D 166 2.05 4.27 -9.82
CA GLU D 166 3.39 4.33 -10.44
C GLU D 166 4.09 5.65 -10.04
N TRP D 167 3.36 6.76 -10.12
CA TRP D 167 3.94 8.06 -9.77
C TRP D 167 4.09 8.30 -8.27
N LEU D 168 3.16 7.79 -7.47
CA LEU D 168 3.29 7.83 -6.00
C LEU D 168 4.58 7.14 -5.58
N ARG D 169 4.83 5.96 -6.13
CA ARG D 169 6.10 5.24 -5.85
C ARG D 169 7.32 6.04 -6.24
N ARG D 170 7.28 6.71 -7.40
CA ARG D 170 8.40 7.55 -7.84
C ARG D 170 8.66 8.68 -6.86
N TYR D 171 7.60 9.36 -6.44
CA TYR D 171 7.72 10.53 -5.56
C TYR D 171 8.26 10.12 -4.18
N LEU D 172 7.82 8.97 -3.68
CA LEU D 172 8.30 8.48 -2.41
C LEU D 172 9.81 8.17 -2.40
N GLU D 173 10.34 7.70 -3.52
CA GLU D 173 11.79 7.53 -3.64
C GLU D 173 12.55 8.83 -3.80
N ASN D 174 12.13 9.68 -4.75
CA ASN D 174 12.77 10.98 -4.98
C ASN D 174 12.77 11.87 -3.76
N GLY D 175 11.66 11.81 -3.01
CA GLY D 175 11.48 12.64 -1.84
C GLY D 175 11.58 11.87 -0.55
N LYS D 176 12.35 10.79 -0.55
CA LYS D 176 12.43 9.88 0.61
C LYS D 176 12.74 10.53 1.95
N GLU D 177 13.67 11.49 1.96
CA GLU D 177 14.11 12.14 3.21
C GLU D 177 12.94 12.83 3.91
N THR D 178 12.08 13.42 3.11
CA THR D 178 10.88 14.11 3.57
C THR D 178 9.68 13.18 3.75
N LEU D 179 9.48 12.26 2.82
CA LEU D 179 8.21 11.53 2.81
C LEU D 179 8.25 10.25 3.63
N GLN D 180 9.41 9.59 3.62
CA GLN D 180 9.56 8.34 4.37
C GLN D 180 10.20 8.69 5.69
N ARG D 181 9.45 9.38 6.54
CA ARG D 181 10.00 9.83 7.79
C ARG D 181 8.87 9.95 8.77
N THR D 182 9.19 9.78 10.03
CA THR D 182 8.21 10.07 11.07
C THR D 182 8.92 10.92 12.10
N ASP D 183 8.29 12.01 12.52
CA ASP D 183 8.82 12.80 13.63
C ASP D 183 7.87 12.63 14.77
N ALA D 184 8.33 12.01 15.84
CA ALA D 184 7.52 11.82 17.04
C ALA D 184 7.21 13.17 17.69
N PRO D 185 6.01 13.30 18.26
CA PRO D 185 5.68 14.57 18.93
C PRO D 185 6.51 14.86 20.19
N LYS D 186 6.82 16.15 20.38
CA LYS D 186 7.44 16.61 21.62
C LYS D 186 6.29 17.10 22.46
N THR D 187 6.12 16.50 23.62
CA THR D 187 4.91 16.72 24.39
C THR D 187 5.19 17.42 25.71
N HIS D 188 4.16 18.12 26.21
CA HIS D 188 4.20 18.71 27.53
C HIS D 188 2.80 19.15 27.85
N MET D 189 2.56 19.46 29.11
CA MET D 189 1.27 20.00 29.49
C MET D 189 1.50 21.34 30.18
N THR D 190 0.56 22.27 30.07
CA THR D 190 0.69 23.54 30.75
C THR D 190 -0.47 23.69 31.73
N HIS D 191 -0.27 24.54 32.73
CA HIS D 191 -1.27 24.73 33.78
C HIS D 191 -1.47 26.23 33.99
N HIS D 192 -2.72 26.71 33.96
CA HIS D 192 -2.96 28.14 34.21
C HIS D 192 -4.27 28.36 34.96
N ALA D 193 -4.22 29.13 36.04
CA ALA D 193 -5.42 29.37 36.83
C ALA D 193 -6.35 30.27 35.99
N VAL D 194 -7.63 29.97 35.97
CA VAL D 194 -8.56 30.90 35.33
C VAL D 194 -9.33 31.70 36.36
N SER D 195 -9.25 31.25 37.62
CA SER D 195 -9.81 31.96 38.76
C SER D 195 -9.14 31.37 39.99
N ASP D 196 -9.63 31.71 41.19
CA ASP D 196 -9.03 31.07 42.39
C ASP D 196 -9.54 29.67 42.66
N HIS D 197 -10.42 29.15 41.79
CA HIS D 197 -10.94 27.82 42.02
C HIS D 197 -10.89 26.90 40.80
N GLU D 198 -10.49 27.43 39.65
CA GLU D 198 -10.36 26.59 38.46
C GLU D 198 -9.06 26.81 37.70
N ALA D 199 -8.64 25.78 36.98
CA ALA D 199 -7.41 25.82 36.19
C ALA D 199 -7.59 25.22 34.81
N THR D 200 -6.92 25.78 33.80
CA THR D 200 -6.92 25.13 32.46
C THR D 200 -5.73 24.21 32.37
N LEU D 201 -5.96 22.94 32.01
CA LEU D 201 -4.83 22.07 31.73
C LEU D 201 -4.82 21.92 30.22
N ARG D 202 -3.68 22.11 29.59
CA ARG D 202 -3.58 21.97 28.15
C ARG D 202 -2.43 21.04 27.78
N CYS D 203 -2.76 19.98 27.03
CA CYS D 203 -1.82 18.96 26.61
C CYS D 203 -1.36 19.32 25.21
N TRP D 204 -0.04 19.46 25.04
CA TRP D 204 0.53 19.89 23.76
C TRP D 204 1.28 18.78 23.04
N ALA D 205 1.17 18.75 21.71
CA ALA D 205 2.05 17.90 20.91
C ALA D 205 2.62 18.79 19.82
N LEU D 206 3.96 18.86 19.72
CA LEU D 206 4.60 19.78 18.78
C LEU D 206 5.58 19.05 17.90
N SER D 207 5.84 19.64 16.73
CA SER D 207 6.93 19.15 15.86
C SER D 207 6.76 17.74 15.34
N PHE D 208 5.53 17.32 15.06
CA PHE D 208 5.37 15.93 14.62
C PHE D 208 5.01 15.77 13.15
N TYR D 209 5.23 14.58 12.60
CA TYR D 209 4.93 14.29 11.21
C TYR D 209 4.80 12.75 11.11
N PRO D 210 3.75 12.22 10.43
CA PRO D 210 2.61 12.89 9.72
C PRO D 210 1.59 13.48 10.66
N ALA D 211 0.56 14.11 10.11
CA ALA D 211 -0.36 14.90 10.90
C ALA D 211 -1.23 14.06 11.83
N GLU D 212 -1.45 12.80 11.46
CA GLU D 212 -2.41 11.97 12.22
C GLU D 212 -1.92 11.81 13.66
N ILE D 213 -2.76 12.16 14.64
CA ILE D 213 -2.39 12.05 16.06
C ILE D 213 -3.69 12.01 16.91
N THR D 214 -3.60 11.43 18.12
CA THR D 214 -4.72 11.45 19.03
C THR D 214 -4.24 11.95 20.36
N LEU D 215 -4.95 12.94 20.88
CA LEU D 215 -4.72 13.47 22.22
C LEU D 215 -6.02 13.29 23.00
N THR D 216 -5.92 12.74 24.21
CA THR D 216 -7.13 12.50 25.00
C THR D 216 -6.87 12.75 26.48
N TRP D 217 -7.82 13.38 27.17
CA TRP D 217 -7.69 13.59 28.60
C TRP D 217 -8.44 12.48 29.31
N GLN D 218 -7.86 11.91 30.38
CA GLN D 218 -8.62 11.04 31.29
C GLN D 218 -8.72 11.69 32.67
N ARG D 219 -9.88 11.55 33.34
CA ARG D 219 -10.03 11.86 34.75
C ARG D 219 -10.26 10.54 35.46
N ASP D 220 -9.32 10.21 36.35
CA ASP D 220 -9.21 8.87 36.93
C ASP D 220 -9.35 7.77 35.94
N GLY D 221 -8.73 7.86 34.77
CA GLY D 221 -9.06 6.79 33.86
C GLY D 221 -10.33 6.89 33.02
N GLU D 222 -11.23 7.84 33.28
CA GLU D 222 -12.39 8.00 32.40
C GLU D 222 -12.11 9.04 31.32
N ASP D 223 -12.31 8.72 30.04
CA ASP D 223 -12.10 9.69 28.94
C ASP D 223 -13.04 10.89 29.09
N GLN D 224 -12.50 12.08 28.92
CA GLN D 224 -13.25 13.32 29.09
C GLN D 224 -13.63 14.04 27.77
N THR D 225 -14.00 13.27 26.74
CA THR D 225 -14.24 13.80 25.38
C THR D 225 -15.14 15.02 25.31
N GLN D 226 -16.28 14.89 25.99
CA GLN D 226 -17.33 15.91 26.05
C GLN D 226 -16.94 17.19 26.78
N ASP D 227 -15.90 17.11 27.61
CA ASP D 227 -15.39 18.27 28.28
C ASP D 227 -14.05 18.73 27.73
N THR D 228 -13.56 18.08 26.68
CA THR D 228 -12.27 18.46 26.14
C THR D 228 -12.42 19.48 24.99
N GLU D 229 -11.60 20.53 24.99
CA GLU D 229 -11.50 21.37 23.82
C GLU D 229 -10.33 20.89 23.00
N LEU D 230 -10.59 20.44 21.78
CA LEU D 230 -9.59 19.81 20.95
C LEU D 230 -9.46 20.66 19.71
N VAL D 231 -8.31 21.27 19.48
CA VAL D 231 -8.19 22.13 18.29
C VAL D 231 -7.81 21.32 17.07
N GLU D 232 -8.08 21.87 15.89
CA GLU D 232 -7.69 21.19 14.64
C GLU D 232 -6.17 21.13 14.57
N THR D 233 -5.64 19.98 14.10
CA THR D 233 -4.19 19.86 13.94
C THR D 233 -3.75 20.92 12.92
N ARG D 234 -2.62 21.57 13.19
CA ARG D 234 -2.26 22.75 12.43
C ARG D 234 -0.81 22.66 11.99
N PRO D 235 -0.52 23.20 10.80
CA PRO D 235 0.84 23.18 10.29
C PRO D 235 1.74 24.20 11.00
N ALA D 236 2.96 23.81 11.34
CA ALA D 236 3.92 24.76 11.91
C ALA D 236 4.50 25.68 10.83
N GLY D 237 4.50 25.20 9.57
CA GLY D 237 5.08 25.92 8.46
C GLY D 237 6.39 25.36 7.95
N ASP D 238 6.96 24.40 8.70
CA ASP D 238 8.26 23.80 8.40
C ASP D 238 8.12 22.31 8.05
N GLY D 239 6.90 21.89 7.74
CA GLY D 239 6.72 20.50 7.36
C GLY D 239 6.34 19.61 8.53
N THR D 240 6.18 20.21 9.72
CA THR D 240 5.64 19.47 10.89
C THR D 240 4.32 20.08 11.39
N PHE D 241 3.73 19.43 12.38
CA PHE D 241 2.36 19.78 12.81
C PHE D 241 2.29 19.95 14.30
N GLN D 242 1.21 20.57 14.76
CA GLN D 242 1.00 20.83 16.18
C GLN D 242 -0.43 20.56 16.50
N LYS D 243 -0.72 20.29 17.78
CA LYS D 243 -2.11 20.08 18.23
C LYS D 243 -2.13 20.24 19.74
N TRP D 244 -3.26 20.70 20.27
CA TRP D 244 -3.43 20.68 21.72
C TRP D 244 -4.81 20.27 22.12
N ALA D 245 -4.96 19.82 23.36
CA ALA D 245 -6.29 19.53 23.92
C ALA D 245 -6.33 20.14 25.30
N ALA D 246 -7.45 20.77 25.66
CA ALA D 246 -7.55 21.40 27.00
C ALA D 246 -8.76 21.01 27.77
N VAL D 247 -8.64 20.97 29.11
CA VAL D 247 -9.82 20.82 29.98
C VAL D 247 -9.74 21.87 31.08
N VAL D 248 -10.89 22.29 31.58
CA VAL D 248 -10.88 23.23 32.73
C VAL D 248 -11.31 22.42 33.94
N VAL D 249 -10.47 22.39 34.97
CA VAL D 249 -10.67 21.51 36.12
C VAL D 249 -10.73 22.30 37.45
N PRO D 250 -11.42 21.77 38.46
CA PRO D 250 -11.32 22.41 39.79
C PRO D 250 -9.89 22.34 40.35
N SER D 251 -9.40 23.48 40.84
CA SER D 251 -8.08 23.62 41.44
C SER D 251 -7.94 22.59 42.58
N GLY D 252 -6.85 21.84 42.59
CA GLY D 252 -6.72 20.76 43.55
C GLY D 252 -6.89 19.37 42.95
N GLN D 253 -7.56 19.27 41.79
CA GLN D 253 -7.83 17.94 41.21
C GLN D 253 -6.86 17.56 40.10
N GLU D 254 -5.77 18.30 39.97
CA GLU D 254 -4.89 18.15 38.82
C GLU D 254 -4.34 16.72 38.70
N GLN D 255 -4.07 16.10 39.83
CA GLN D 255 -3.45 14.78 39.86
C GLN D 255 -4.42 13.66 39.39
N ARG D 256 -5.72 13.98 39.31
CA ARG D 256 -6.68 13.07 38.69
C ARG D 256 -6.60 13.01 37.17
N TYR D 257 -5.97 14.01 36.56
CA TYR D 257 -6.02 14.20 35.13
C TYR D 257 -4.74 13.81 34.44
N THR D 258 -4.89 13.03 33.37
CA THR D 258 -3.73 12.59 32.60
C THR D 258 -4.05 12.80 31.11
N CYS D 259 -3.03 13.18 30.35
CA CYS D 259 -3.15 13.32 28.90
C CYS D 259 -2.47 12.14 28.23
N HIS D 260 -3.09 11.61 27.17
CA HIS D 260 -2.60 10.38 26.51
C HIS D 260 -2.38 10.72 25.04
N VAL D 261 -1.19 10.38 24.54
CA VAL D 261 -0.79 10.79 23.19
C VAL D 261 -0.46 9.54 22.36
N GLN D 262 -1.04 9.43 21.17
CA GLN D 262 -0.72 8.31 20.31
C GLN D 262 -0.30 8.88 18.96
N HIS D 263 0.79 8.39 18.42
CA HIS D 263 1.29 8.88 17.15
C HIS D 263 2.21 7.79 16.66
N GLU D 264 2.25 7.59 15.34
CA GLU D 264 3.03 6.53 14.75
C GLU D 264 4.55 6.58 15.02
N GLY D 265 5.08 7.78 15.30
CA GLY D 265 6.47 7.99 15.69
C GLY D 265 6.80 7.63 17.13
N LEU D 266 5.78 7.35 17.94
CA LEU D 266 5.98 6.89 19.31
C LEU D 266 6.00 5.38 19.31
N PRO D 267 6.99 4.76 19.99
CA PRO D 267 7.06 3.31 20.19
C PRO D 267 5.83 2.77 20.92
N LYS D 268 5.38 3.52 21.94
CA LYS D 268 4.24 3.15 22.76
C LYS D 268 3.49 4.46 22.99
N PRO D 269 2.16 4.42 23.26
CA PRO D 269 1.54 5.73 23.58
C PRO D 269 2.10 6.35 24.86
N LEU D 270 2.16 7.67 24.91
CA LEU D 270 2.67 8.35 26.11
C LEU D 270 1.56 8.76 27.04
N THR D 271 1.78 8.62 28.34
CA THR D 271 0.91 9.28 29.30
C THR D 271 1.69 10.38 30.01
N LEU D 272 1.12 11.58 30.07
CA LEU D 272 1.70 12.71 30.80
C LEU D 272 0.86 12.97 32.04
N ARG D 273 1.54 13.27 33.16
CA ARG D 273 0.88 13.32 34.46
C ARG D 273 1.30 14.57 35.20
N TRP D 274 0.55 14.89 36.26
CA TRP D 274 0.86 16.08 37.03
C TRP D 274 1.57 15.72 38.35
N GLU D 275 2.11 14.51 38.44
CA GLU D 275 2.83 14.08 39.65
C GLU D 275 3.80 13.01 39.20
N MET E 1 -27.56 28.18 1.12
CA MET E 1 -26.31 27.41 0.87
C MET E 1 -25.73 27.00 2.20
N ILE E 2 -24.93 25.93 2.17
CA ILE E 2 -24.11 25.56 3.30
C ILE E 2 -23.16 26.73 3.60
N GLN E 3 -23.03 27.10 4.88
CA GLN E 3 -21.97 28.00 5.28
C GLN E 3 -21.34 27.36 6.52
N ARG E 4 -20.00 27.34 6.62
CA ARG E 4 -19.33 26.82 7.82
C ARG E 4 -18.28 27.85 8.32
N THR E 5 -18.26 28.08 9.64
CA THR E 5 -17.47 29.15 10.26
C THR E 5 -15.98 28.80 10.35
N PRO E 6 -15.06 29.74 10.01
CA PRO E 6 -13.63 29.42 10.21
C PRO E 6 -13.26 29.25 11.67
N LYS E 7 -12.41 28.26 11.92
CA LYS E 7 -11.83 28.05 13.22
C LYS E 7 -10.46 28.68 13.08
N ILE E 8 -10.15 29.62 13.96
CA ILE E 8 -8.98 30.51 13.75
C ILE E 8 -7.97 30.21 14.84
N GLN E 9 -6.70 29.94 14.48
CA GLN E 9 -5.63 29.80 15.47
C GLN E 9 -4.44 30.71 15.14
N VAL E 10 -3.98 31.46 16.13
CA VAL E 10 -2.79 32.30 15.95
C VAL E 10 -1.67 31.76 16.89
N TYR E 11 -0.48 31.58 16.33
CA TYR E 11 0.57 30.88 17.08
C TYR E 11 1.87 31.07 16.36
N SER E 12 2.95 30.81 17.07
CA SER E 12 4.28 30.86 16.47
C SER E 12 4.72 29.48 16.00
N ARG E 13 5.59 29.46 14.98
CA ARG E 13 6.14 28.21 14.49
C ARG E 13 6.97 27.48 15.58
N HIS E 14 7.84 28.22 16.29
CA HIS E 14 8.72 27.66 17.33
C HIS E 14 8.38 28.33 18.65
N PRO E 15 8.75 27.71 19.78
CA PRO E 15 8.52 28.40 21.06
C PRO E 15 9.13 29.81 21.09
N ALA E 16 8.33 30.79 21.49
CA ALA E 16 8.76 32.17 21.35
C ALA E 16 9.78 32.57 22.38
N GLU E 17 10.73 33.38 21.92
CA GLU E 17 11.76 33.86 22.80
C GLU E 17 12.00 35.28 22.34
N ASN E 18 11.94 36.25 23.28
CA ASN E 18 12.13 37.65 22.95
C ASN E 18 13.47 37.90 22.27
N GLY E 19 13.45 38.57 21.11
CA GLY E 19 14.70 38.95 20.44
C GLY E 19 15.11 37.95 19.37
N LYS E 20 14.37 36.84 19.27
CA LYS E 20 14.79 35.77 18.40
C LYS E 20 13.79 35.57 17.28
N SER E 21 14.27 35.64 16.04
CA SER E 21 13.33 35.57 14.91
C SER E 21 12.63 34.20 14.82
N ASN E 22 11.44 34.22 14.23
CA ASN E 22 10.46 33.14 14.37
C ASN E 22 9.45 33.40 13.25
N PHE E 23 8.39 32.61 13.18
CA PHE E 23 7.32 32.87 12.24
C PHE E 23 6.02 32.92 12.96
N LEU E 24 5.17 33.85 12.57
CA LEU E 24 3.85 33.97 13.14
C LEU E 24 2.86 33.42 12.15
N ASN E 25 1.99 32.54 12.63
CA ASN E 25 1.03 31.83 11.80
C ASN E 25 -0.41 32.17 12.20
N CYS E 26 -1.30 32.29 11.21
CA CYS E 26 -2.74 32.31 11.49
C CYS E 26 -3.33 31.23 10.59
N TYR E 27 -3.82 30.17 11.22
CA TYR E 27 -4.36 29.05 10.46
C TYR E 27 -5.86 29.14 10.54
N VAL E 28 -6.53 29.08 9.40
CA VAL E 28 -8.00 29.14 9.40
C VAL E 28 -8.51 27.87 8.76
N SER E 29 -9.40 27.17 9.42
CA SER E 29 -9.85 25.91 8.87
C SER E 29 -11.33 25.69 9.09
N GLY E 30 -11.88 24.71 8.38
CA GLY E 30 -13.30 24.35 8.66
C GLY E 30 -14.31 25.26 8.00
N PHE E 31 -13.88 26.12 7.07
CA PHE E 31 -14.79 27.13 6.50
C PHE E 31 -15.36 26.81 5.11
N HIS E 32 -16.51 27.42 4.83
CA HIS E 32 -17.22 27.29 3.55
C HIS E 32 -18.22 28.44 3.49
N PRO E 33 -18.30 29.18 2.37
CA PRO E 33 -17.54 29.09 1.12
C PRO E 33 -16.08 29.58 1.27
N SER E 34 -15.34 29.58 0.15
CA SER E 34 -13.88 29.82 0.21
C SER E 34 -13.43 31.28 0.41
N ASP E 35 -14.31 32.24 0.16
CA ASP E 35 -13.90 33.64 0.18
C ASP E 35 -13.71 34.00 1.63
N ILE E 36 -12.54 34.54 1.95
CA ILE E 36 -12.18 34.83 3.34
C ILE E 36 -11.11 35.94 3.30
N GLU E 37 -11.13 36.83 4.29
CA GLU E 37 -10.09 37.86 4.44
C GLU E 37 -9.34 37.54 5.71
N VAL E 38 -8.01 37.43 5.64
CA VAL E 38 -7.23 37.16 6.84
C VAL E 38 -6.08 38.19 6.87
N ASP E 39 -5.92 38.87 8.00
CA ASP E 39 -4.78 39.78 8.13
C ASP E 39 -4.06 39.42 9.40
N LEU E 40 -2.73 39.52 9.39
CA LEU E 40 -1.96 39.43 10.62
C LEU E 40 -1.71 40.87 11.09
N LEU E 41 -1.79 41.12 12.40
CA LEU E 41 -1.69 42.48 12.91
C LEU E 41 -0.53 42.59 13.90
N LYS E 42 0.16 43.73 13.91
CA LYS E 42 1.20 44.03 14.88
C LYS E 42 0.74 45.31 15.51
N ASN E 43 0.48 45.28 16.82
CA ASN E 43 -0.06 46.43 17.56
C ASN E 43 -1.24 47.06 16.84
N GLY E 44 -2.12 46.20 16.33
CA GLY E 44 -3.34 46.62 15.66
C GLY E 44 -3.26 47.00 14.20
N GLU E 45 -2.04 47.02 13.65
CA GLU E 45 -1.78 47.47 12.28
C GLU E 45 -1.57 46.30 11.34
N ARG E 46 -2.15 46.34 10.14
CA ARG E 46 -1.97 45.26 9.19
C ARG E 46 -0.52 45.09 8.76
N ILE E 47 -0.01 43.87 8.84
CA ILE E 47 1.33 43.55 8.37
C ILE E 47 1.23 43.28 6.87
N GLU E 48 1.95 44.05 6.08
CA GLU E 48 1.82 43.95 4.64
C GLU E 48 2.60 42.78 4.01
N LYS E 49 3.68 42.34 4.65
CA LYS E 49 4.53 41.24 4.16
C LYS E 49 4.04 39.88 4.69
N VAL E 50 2.84 39.48 4.29
CA VAL E 50 2.30 38.17 4.73
C VAL E 50 2.13 37.26 3.51
N GLU E 51 2.42 35.97 3.65
CA GLU E 51 2.26 35.02 2.57
C GLU E 51 1.17 34.05 2.98
N HIS E 52 0.63 33.31 2.02
CA HIS E 52 -0.35 32.29 2.42
C HIS E 52 -0.25 31.03 1.58
N SER E 53 -0.77 29.95 2.14
CA SER E 53 -0.76 28.64 1.49
C SER E 53 -1.78 28.58 0.39
N ASP E 54 -1.65 27.55 -0.45
CA ASP E 54 -2.57 27.40 -1.58
C ASP E 54 -3.85 26.77 -1.04
N LEU E 55 -5.01 27.20 -1.54
CA LEU E 55 -6.33 26.79 -0.97
C LEU E 55 -6.49 25.30 -1.14
N SER E 56 -6.78 24.63 -0.03
CA SER E 56 -7.02 23.19 -0.08
C SER E 56 -8.23 22.91 0.83
N PHE E 57 -8.60 21.64 0.91
CA PHE E 57 -9.73 21.28 1.73
C PHE E 57 -9.64 19.89 2.38
N SER E 58 -10.45 19.67 3.42
CA SER E 58 -10.41 18.41 4.14
C SER E 58 -11.42 17.42 3.61
N LYS E 59 -11.50 16.25 4.26
CA LYS E 59 -12.42 15.17 3.87
C LYS E 59 -13.89 15.58 3.81
N ASP E 60 -14.27 16.52 4.69
CA ASP E 60 -15.63 17.05 4.75
C ASP E 60 -15.93 18.24 3.85
N TRP E 61 -15.01 18.52 2.93
CA TRP E 61 -15.06 19.62 1.94
C TRP E 61 -14.72 21.01 2.49
N SER E 62 -14.53 21.14 3.80
CA SER E 62 -14.29 22.45 4.34
C SER E 62 -12.87 22.90 4.05
N PHE E 63 -12.70 24.20 3.88
CA PHE E 63 -11.41 24.72 3.40
C PHE E 63 -10.45 25.03 4.52
N TYR E 64 -9.15 25.04 4.19
CA TYR E 64 -8.18 25.51 5.17
C TYR E 64 -7.07 26.34 4.46
N LEU E 65 -6.51 27.27 5.21
CA LEU E 65 -5.45 28.18 4.69
C LEU E 65 -4.56 28.57 5.84
N LEU E 66 -3.27 28.67 5.57
CA LEU E 66 -2.31 29.19 6.53
C LEU E 66 -1.77 30.52 6.01
N TYR E 67 -1.81 31.54 6.85
CA TYR E 67 -1.20 32.85 6.59
C TYR E 67 0.00 32.95 7.50
N TYR E 68 1.11 33.45 6.99
CA TYR E 68 2.30 33.48 7.82
C TYR E 68 3.26 34.62 7.50
N THR E 69 4.00 35.10 8.49
CA THR E 69 5.04 36.09 8.28
C THR E 69 6.21 35.84 9.25
N GLU E 70 7.40 36.22 8.85
CA GLU E 70 8.56 36.21 9.72
C GLU E 70 8.38 37.31 10.73
N PHE E 71 8.67 37.03 12.00
CA PHE E 71 8.57 38.03 13.06
C PHE E 71 9.63 37.80 14.13
N THR E 72 9.90 38.85 14.92
CA THR E 72 10.77 38.71 16.08
C THR E 72 10.00 39.22 17.30
N PRO E 73 9.52 38.30 18.16
CA PRO E 73 8.75 38.70 19.33
C PRO E 73 9.56 39.51 20.34
N THR E 74 8.87 40.45 20.99
CA THR E 74 9.43 41.27 22.06
C THR E 74 8.44 41.29 23.21
N GLU E 75 8.84 41.91 24.31
CA GLU E 75 7.95 42.08 25.46
C GLU E 75 6.66 42.84 25.16
N LYS E 76 6.78 44.00 24.51
CA LYS E 76 5.65 44.91 24.35
C LYS E 76 4.74 44.68 23.12
N ASP E 77 5.27 44.09 22.05
CA ASP E 77 4.50 44.06 20.81
C ASP E 77 3.41 43.02 20.89
N GLU E 78 2.20 43.45 20.54
CA GLU E 78 1.02 42.60 20.52
C GLU E 78 0.76 42.13 19.08
N TYR E 79 0.57 40.84 18.91
CA TYR E 79 0.21 40.28 17.59
C TYR E 79 -1.19 39.67 17.61
N ALA E 80 -1.85 39.70 16.45
CA ALA E 80 -3.21 39.16 16.36
C ALA E 80 -3.51 38.80 14.92
N CYS E 81 -4.58 38.03 14.72
CA CYS E 81 -5.05 37.71 13.35
C CYS E 81 -6.45 38.22 13.23
N ARG E 82 -6.79 38.93 12.15
CA ARG E 82 -8.18 39.44 11.98
C ARG E 82 -8.81 38.72 10.80
N VAL E 83 -9.97 38.11 11.00
CA VAL E 83 -10.58 37.30 9.99
C VAL E 83 -12.02 37.75 9.68
N ASN E 84 -12.39 37.85 8.40
CA ASN E 84 -13.77 38.04 8.06
C ASN E 84 -14.25 36.97 7.08
N HIS E 85 -15.52 36.63 7.20
CA HIS E 85 -16.08 35.53 6.43
C HIS E 85 -17.62 35.80 6.49
N VAL E 86 -18.37 35.24 5.54
CA VAL E 86 -19.82 35.49 5.50
C VAL E 86 -20.50 35.04 6.79
N THR E 87 -19.93 34.02 7.47
CA THR E 87 -20.53 33.51 8.72
C THR E 87 -20.33 34.37 9.97
N LEU E 88 -19.46 35.39 9.87
CA LEU E 88 -19.10 36.25 10.98
C LEU E 88 -19.83 37.56 10.83
N SER E 89 -20.49 37.98 11.92
CA SER E 89 -21.32 39.19 11.92
C SER E 89 -20.47 40.45 11.93
N GLN E 90 -19.20 40.33 12.33
CA GLN E 90 -18.15 41.36 12.13
C GLN E 90 -16.78 40.66 12.14
N PRO E 91 -15.69 41.36 11.70
CA PRO E 91 -14.44 40.61 11.80
C PRO E 91 -14.05 40.14 13.21
N LYS E 92 -13.51 38.93 13.25
CA LYS E 92 -13.07 38.32 14.50
C LYS E 92 -11.58 38.57 14.66
N ILE E 93 -11.21 39.12 15.80
CA ILE E 93 -9.78 39.34 16.09
C ILE E 93 -9.36 38.34 17.17
N VAL E 94 -8.39 37.50 16.86
CA VAL E 94 -7.85 36.54 17.84
C VAL E 94 -6.42 36.94 18.17
N LYS E 95 -6.13 37.18 19.44
CA LYS E 95 -4.81 37.70 19.82
C LYS E 95 -3.85 36.53 20.01
N TRP E 96 -2.59 36.73 19.65
CA TRP E 96 -1.54 35.75 19.97
C TRP E 96 -1.31 35.70 21.47
N ASP E 97 -1.43 34.53 22.06
CA ASP E 97 -1.21 34.36 23.49
C ASP E 97 -0.05 33.41 23.62
N ARG E 98 1.13 33.92 23.99
CA ARG E 98 2.29 33.05 23.97
C ARG E 98 2.37 32.12 25.15
N ASP E 99 1.54 32.32 26.16
CA ASP E 99 1.62 31.49 27.38
C ASP E 99 0.59 30.37 27.40
N MET E 100 0.00 30.01 26.26
CA MET E 100 -0.92 28.85 26.22
C MET E 100 -0.22 27.48 26.45
N GLU F 1 1.39 12.22 -10.49
CA GLU F 1 0.80 12.98 -11.62
C GLU F 1 -0.76 12.88 -11.65
N ALA F 2 -1.41 13.89 -12.21
CA ALA F 2 -2.87 13.96 -12.20
C ALA F 2 -3.52 13.08 -13.28
N ALA F 3 -4.86 13.02 -13.26
CA ALA F 3 -5.55 12.15 -14.22
C ALA F 3 -5.63 12.76 -15.60
N GLY F 4 -5.30 11.97 -16.63
CA GLY F 4 -5.35 12.44 -18.01
C GLY F 4 -6.56 11.84 -18.68
N ILE F 5 -7.28 11.00 -17.93
CA ILE F 5 -8.50 10.31 -18.41
C ILE F 5 -9.51 10.27 -17.29
N GLY F 6 -10.79 10.10 -17.64
CA GLY F 6 -11.83 9.92 -16.63
C GLY F 6 -12.38 11.18 -15.98
N ILE F 7 -11.95 12.33 -16.48
CA ILE F 7 -12.41 13.59 -15.93
C ILE F 7 -13.38 14.17 -16.94
N LEU F 8 -14.67 14.06 -16.68
CA LEU F 8 -15.69 14.39 -17.68
C LEU F 8 -16.66 15.36 -17.04
N THR F 9 -17.32 16.18 -17.86
CA THR F 9 -18.33 17.10 -17.34
C THR F 9 -19.49 16.38 -16.68
N VAL F 10 -20.02 16.99 -15.63
CA VAL F 10 -21.17 16.41 -14.94
C VAL F 10 -22.48 16.57 -15.77
C1 GOL G . -23.38 -30.47 -19.96
O1 GOL G . -22.76 -30.91 -18.77
C2 GOL G . -23.02 -29.01 -20.16
O2 GOL G . -23.67 -28.25 -19.16
C3 GOL G . -23.48 -28.52 -21.51
O3 GOL G . -23.23 -27.12 -21.59
C1 GOL H . 7.88 -15.12 -5.54
O1 GOL H . 8.98 -14.28 -5.39
C2 GOL H . 8.40 -16.53 -5.85
O2 GOL H . 7.70 -17.49 -5.08
C3 GOL H . 8.11 -16.67 -7.32
O3 GOL H . 6.76 -16.52 -7.68
NA NA I . -0.30 -38.92 6.66
C1 GOL J . -4.78 15.13 2.82
O1 GOL J . -4.34 14.34 1.73
C2 GOL J . -4.10 16.49 2.67
O2 GOL J . -4.94 17.52 3.18
C3 GOL J . -2.85 16.34 3.49
O3 GOL J . -2.84 17.14 4.64
C1 GOL K . -0.32 30.43 37.18
O1 GOL K . -1.51 30.73 36.49
C2 GOL K . -0.33 29.04 37.76
O2 GOL K . -1.33 28.17 37.25
C3 GOL K . 1.07 28.44 37.85
O3 GOL K . 0.98 27.05 37.68
NA NA L . -18.69 38.93 7.61
C1 GOL M . 5.42 26.24 20.82
O1 GOL M . 5.92 26.35 19.51
C2 GOL M . 3.94 26.53 20.72
O2 GOL M . 3.55 27.28 21.83
C3 GOL M . 3.98 27.51 19.58
O3 GOL M . 2.87 27.35 18.75
#